data_5PZM
#
_entry.id   5PZM
#
_cell.length_a   66.500
_cell.length_b   91.600
_cell.length_c   232.200
_cell.angle_alpha   90.000
_cell.angle_beta   90.000
_cell.angle_gamma   90.000
#
_symmetry.space_group_name_H-M   'P 21 21 21'
#
loop_
_entity.id
_entity.type
_entity.pdbx_description
1 polymer 'RNA-directed RNA polymerase'
2 non-polymer '(2E)-3-(4-{[(1-{[(13-cyclohexyl-6-oxo-6,7-dihydro-5H-indolo[1,2-d][1,4]benzodiazepin-10-yl)carbonyl]amino}cyclopentyl)carbonyl]amino}phenyl)prop-2-enoic acid'
3 non-polymer 'SULFATE ION'
4 non-polymer '3-[2-(4-fluorophenyl)-3-(methylcarbamoyl)-1-benzofuran-5-yl]benzoic acid'
5 non-polymer GLYCEROL
6 water water
#
_entity_poly.entity_id   1
_entity_poly.type   'polypeptide(L)'
_entity_poly.pdbx_seq_one_letter_code
;MSMSYTWTGALITPCAAEETKLPINALSNSLLRHHNLVYATTSRSASLRQKKVTFDRLQVLDDHYRDVLKEMKAKASTVK
AKLLSVEEACKLTPPHSARSKFGYGAKDVRNLSSKAVNHIRSVWKDLLEDTETPIDTTIMAKNEVFCVQPEKGGRKPARL
IVFPDLGVRVCEKMALYDVVSTLPQAVMGSSYGFQYSPGQRVEFLVNAWKAKKCPMGFAYDTRCFDSTVTENDIRVEESI
YQCCDLAPEARQAIRSLTERLYIGGPLTNSKGQNCGYRRCRASGVLTTSCGNTLTCYLKAAAACRAAKLQDCTMLVCGDD
LVVICESAGTQEDEASLRAFTEAMTRYSAPPGDPPKPEYDLELITSCSSNVSVAHDASGKRVYYLTRDPTTPLARAAWET
ARHTPVNSWLGNIIMYAPTLWARMILMTHFFSILLAQEQLEKALDCQIYGACYSIEPLDLPQIIQRLHGLSAFSLHSYSP
GEINRVASCLRKLGVPPLRVWRHRARSVRARLLSQGGRAATCGKYLFNWAVRTKLKLTPIPAASQLDLSSWFVAGYSGGD
IYHSLSRARPRWFM
;
_entity_poly.pdbx_strand_id   A,B
#
loop_
_chem_comp.id
_chem_comp.type
_chem_comp.name
_chem_comp.formula
23E non-polymer '(2E)-3-(4-{[(1-{[(13-cyclohexyl-6-oxo-6,7-dihydro-5H-indolo[1,2-d][1,4]benzodiazepin-10-yl)carbonyl]amino}cyclopentyl)carbonyl]amino}phenyl)prop-2-enoic acid' 'C38 H38 N4 O5'
8XS non-polymer '3-[2-(4-fluorophenyl)-3-(methylcarbamoyl)-1-benzofuran-5-yl]benzoic acid' 'C23 H16 F N O4'
GOL non-polymer GLYCEROL 'C3 H8 O3'
SO4 non-polymer 'SULFATE ION' 'O4 S -2'
#
# COMPACT_ATOMS: atom_id res chain seq x y z
N SER A 2 22.06 4.14 16.10
CA SER A 2 22.50 2.88 16.72
C SER A 2 23.75 2.29 16.07
N MET A 3 24.43 1.43 16.82
CA MET A 3 25.61 0.70 16.34
C MET A 3 25.11 -0.38 15.36
N SER A 4 25.76 -0.49 14.18
CA SER A 4 25.45 -1.50 13.15
C SER A 4 25.51 -2.89 13.79
N TYR A 5 26.56 -3.11 14.61
CA TYR A 5 26.81 -4.33 15.39
C TYR A 5 27.40 -4.00 16.76
N THR A 6 27.23 -4.96 17.68
CA THR A 6 27.71 -4.97 19.06
C THR A 6 28.22 -6.36 19.30
N TRP A 7 29.43 -6.45 19.86
CA TRP A 7 30.09 -7.73 20.04
C TRP A 7 30.36 -8.06 21.49
N THR A 8 30.23 -9.35 21.83
CA THR A 8 30.50 -9.86 23.19
C THR A 8 32.00 -10.17 23.33
N GLY A 9 32.62 -10.63 22.25
CA GLY A 9 34.03 -11.02 22.23
C GLY A 9 34.21 -12.48 21.88
N ALA A 10 33.09 -13.27 21.90
CA ALA A 10 33.09 -14.68 21.49
C ALA A 10 33.42 -14.65 20.00
N LEU A 11 34.28 -15.58 19.56
CA LEU A 11 34.75 -15.58 18.18
C LEU A 11 33.68 -16.01 17.21
N ILE A 12 33.86 -15.60 15.93
CA ILE A 12 33.05 -16.07 14.81
C ILE A 12 33.77 -17.37 14.47
N THR A 13 33.24 -18.47 14.99
CA THR A 13 33.84 -19.80 14.91
C THR A 13 33.64 -20.50 13.55
N PRO A 14 34.57 -21.42 13.14
CA PRO A 14 34.41 -22.09 11.83
C PRO A 14 33.21 -23.02 11.69
N CYS A 15 32.84 -23.33 10.44
CA CYS A 15 31.74 -24.20 10.04
C CYS A 15 32.31 -25.57 9.63
N VAL A 38 46.62 -17.52 -4.91
CA VAL A 38 45.18 -17.86 -4.87
C VAL A 38 44.79 -18.45 -3.50
N TYR A 39 44.01 -17.66 -2.75
CA TYR A 39 43.59 -17.98 -1.38
C TYR A 39 42.06 -18.09 -1.22
N ALA A 40 41.66 -18.83 -0.19
CA ALA A 40 40.28 -18.95 0.26
C ALA A 40 40.20 -18.10 1.52
N THR A 41 39.04 -17.49 1.79
CA THR A 41 38.90 -16.66 2.97
C THR A 41 38.29 -17.50 4.09
N THR A 42 38.83 -17.36 5.31
CA THR A 42 38.43 -18.16 6.48
C THR A 42 37.98 -17.28 7.65
N SER A 43 37.49 -17.93 8.72
CA SER A 43 37.08 -17.30 9.98
C SER A 43 38.22 -16.57 10.72
N ARG A 44 39.48 -16.91 10.41
CA ARG A 44 40.72 -16.33 10.96
C ARG A 44 40.84 -14.83 10.65
N SER A 45 40.19 -14.36 9.58
CA SER A 45 40.19 -12.96 9.14
C SER A 45 38.90 -12.19 9.54
N ALA A 46 37.91 -12.88 10.15
CA ALA A 46 36.63 -12.32 10.59
C ALA A 46 36.76 -11.08 11.47
N SER A 47 37.79 -11.03 12.36
CA SER A 47 38.08 -9.90 13.25
C SER A 47 38.37 -8.62 12.46
N LEU A 48 39.08 -8.74 11.32
CA LEU A 48 39.42 -7.60 10.45
C LEU A 48 38.15 -7.02 9.82
N ARG A 49 37.20 -7.90 9.44
CA ARG A 49 35.92 -7.55 8.86
C ARG A 49 35.02 -6.89 9.92
N GLN A 50 34.95 -7.50 11.13
CA GLN A 50 34.17 -6.99 12.26
C GLN A 50 34.50 -5.50 12.54
N LYS A 51 35.80 -5.14 12.56
CA LYS A 51 36.24 -3.76 12.76
C LYS A 51 35.68 -2.82 11.70
N LYS A 52 35.71 -3.24 10.42
CA LYS A 52 35.23 -2.41 9.30
C LYS A 52 33.69 -2.20 9.30
N VAL A 53 32.93 -3.23 9.68
CA VAL A 53 31.46 -3.20 9.63
C VAL A 53 30.78 -2.66 10.92
N THR A 54 31.57 -2.31 11.97
CA THR A 54 31.06 -1.82 13.25
C THR A 54 31.21 -0.29 13.39
N PHE A 55 30.09 0.43 13.34
CA PHE A 55 30.05 1.88 13.43
C PHE A 55 28.64 2.36 13.71
N ASP A 56 28.49 3.59 14.21
CA ASP A 56 27.16 4.16 14.43
C ASP A 56 26.81 4.88 13.16
N ARG A 57 25.52 4.87 12.80
CA ARG A 57 24.97 5.51 11.59
C ARG A 57 24.31 6.82 11.93
N LEU A 58 24.56 7.85 11.11
CA LEU A 58 23.98 9.19 11.23
C LEU A 58 23.27 9.48 9.90
N GLN A 59 21.96 9.31 9.91
CA GLN A 59 21.12 9.47 8.74
C GLN A 59 20.28 10.73 8.87
N VAL A 60 20.30 11.58 7.83
CA VAL A 60 19.51 12.81 7.76
C VAL A 60 18.74 12.77 6.44
N LEU A 61 17.41 12.73 6.55
CA LEU A 61 16.52 12.68 5.40
C LEU A 61 16.02 14.05 4.98
N ASP A 62 15.63 14.21 3.71
CA ASP A 62 15.16 15.49 3.18
C ASP A 62 13.95 15.33 2.27
N ASP A 63 13.51 16.42 1.65
CA ASP A 63 12.35 16.46 0.78
C ASP A 63 12.50 15.57 -0.45
N HIS A 64 13.71 15.50 -1.03
CA HIS A 64 14.02 14.68 -2.22
C HIS A 64 13.75 13.21 -1.94
N TYR A 65 14.25 12.74 -0.78
CA TYR A 65 14.08 11.39 -0.28
C TYR A 65 12.59 11.05 -0.12
N ARG A 66 11.85 11.90 0.59
CA ARG A 66 10.40 11.70 0.84
C ARG A 66 9.61 11.69 -0.45
N ASP A 67 9.97 12.56 -1.43
CA ASP A 67 9.32 12.61 -2.74
C ASP A 67 9.51 11.31 -3.50
N VAL A 68 10.77 10.83 -3.60
CA VAL A 68 11.10 9.60 -4.31
C VAL A 68 10.36 8.42 -3.68
N LEU A 69 10.37 8.33 -2.34
CA LEU A 69 9.67 7.32 -1.56
C LEU A 69 8.17 7.26 -1.93
N LYS A 70 7.49 8.42 -1.93
CA LYS A 70 6.07 8.50 -2.31
C LYS A 70 5.84 8.01 -3.73
N GLU A 71 6.75 8.35 -4.66
CA GLU A 71 6.71 7.91 -6.08
C GLU A 71 6.86 6.38 -6.18
N MET A 72 7.77 5.78 -5.38
CA MET A 72 8.02 4.33 -5.29
C MET A 72 6.80 3.58 -4.73
N LYS A 73 6.18 4.14 -3.68
CA LYS A 73 5.00 3.58 -3.01
C LYS A 73 3.78 3.55 -3.93
N ALA A 74 3.62 4.58 -4.78
CA ALA A 74 2.50 4.69 -5.74
C ALA A 74 2.58 3.58 -6.78
N LYS A 75 3.82 3.15 -7.09
CA LYS A 75 4.11 2.07 -8.04
C LYS A 75 3.93 0.70 -7.39
N ALA A 76 4.30 0.56 -6.09
CA ALA A 76 4.12 -0.66 -5.28
C ALA A 76 2.65 -0.99 -5.10
N SER A 77 1.79 0.05 -5.04
CA SER A 77 0.34 0.00 -4.91
C SER A 77 -0.34 -0.86 -6.00
N THR A 78 0.34 -1.04 -7.16
CA THR A 78 -0.18 -1.81 -8.32
C THR A 78 0.05 -3.32 -8.15
N VAL A 79 0.84 -3.73 -7.14
CA VAL A 79 1.23 -5.11 -6.90
C VAL A 79 0.24 -5.91 -6.04
N LYS A 80 -0.03 -7.14 -6.51
CA LYS A 80 -0.85 -8.13 -5.83
C LYS A 80 0.07 -9.32 -5.58
N ALA A 81 0.33 -9.63 -4.30
CA ALA A 81 1.21 -10.72 -3.93
C ALA A 81 0.45 -11.87 -3.32
N LYS A 82 0.86 -13.09 -3.65
CA LYS A 82 0.24 -14.31 -3.14
C LYS A 82 1.07 -14.92 -2.02
N LEU A 83 0.37 -15.50 -1.06
CA LEU A 83 0.93 -16.21 0.07
C LEU A 83 1.26 -17.60 -0.47
N LEU A 84 2.49 -18.05 -0.28
CA LEU A 84 2.89 -19.37 -0.73
C LEU A 84 2.44 -20.38 0.28
N SER A 85 2.09 -21.59 -0.17
CA SER A 85 1.72 -22.70 0.74
C SER A 85 3.01 -23.27 1.31
N VAL A 86 2.92 -24.08 2.35
CA VAL A 86 4.07 -24.77 2.96
C VAL A 86 4.79 -25.56 1.88
N GLU A 87 4.07 -26.40 1.11
CA GLU A 87 4.66 -27.22 0.03
C GLU A 87 5.39 -26.39 -1.02
N GLU A 88 4.80 -25.25 -1.48
CA GLU A 88 5.43 -24.37 -2.49
C GLU A 88 6.70 -23.77 -1.96
N ALA A 89 6.73 -23.35 -0.67
CA ALA A 89 7.91 -22.78 0.00
C ALA A 89 8.98 -23.87 0.23
N CYS A 90 8.56 -25.09 0.60
CA CYS A 90 9.44 -26.24 0.81
C CYS A 90 10.18 -26.58 -0.46
N LYS A 91 9.50 -26.50 -1.62
CA LYS A 91 10.07 -26.80 -2.94
C LYS A 91 11.13 -25.79 -3.34
N LEU A 92 11.13 -24.56 -2.78
CA LEU A 92 12.14 -23.55 -3.11
C LEU A 92 13.41 -23.70 -2.29
N THR A 93 13.40 -24.61 -1.29
CA THR A 93 14.53 -24.86 -0.40
C THR A 93 15.67 -25.63 -1.10
N PRO A 94 16.92 -25.09 -1.10
CA PRO A 94 18.05 -25.84 -1.67
C PRO A 94 18.29 -27.19 -0.95
N PRO A 95 18.59 -28.29 -1.70
CA PRO A 95 18.88 -29.57 -1.03
C PRO A 95 19.98 -29.53 0.04
N HIS A 96 20.97 -28.62 -0.11
CA HIS A 96 22.08 -28.52 0.84
C HIS A 96 21.95 -27.32 1.81
N SER A 97 20.72 -26.78 1.95
CA SER A 97 20.39 -25.67 2.85
C SER A 97 20.69 -26.09 4.29
N ALA A 98 21.26 -25.17 5.09
CA ALA A 98 21.63 -25.40 6.49
C ALA A 98 20.47 -25.99 7.28
N ARG A 99 20.73 -27.10 8.00
CA ARG A 99 19.70 -27.76 8.77
C ARG A 99 19.22 -26.93 9.96
N SER A 100 18.02 -27.26 10.43
CA SER A 100 17.42 -26.60 11.57
C SER A 100 18.04 -27.12 12.87
N LYS A 101 18.02 -26.28 13.91
CA LYS A 101 18.46 -26.70 15.23
C LYS A 101 17.32 -27.47 15.92
N PHE A 102 16.15 -27.63 15.25
CA PHE A 102 14.97 -28.29 15.81
C PHE A 102 14.73 -29.69 15.22
N GLY A 103 15.81 -30.40 14.92
CA GLY A 103 15.83 -31.80 14.51
C GLY A 103 15.38 -32.22 13.13
N TYR A 104 15.62 -31.40 12.11
CA TYR A 104 15.27 -31.71 10.72
C TYR A 104 16.14 -30.90 9.78
N GLY A 105 16.31 -31.40 8.55
CA GLY A 105 17.17 -30.79 7.55
C GLY A 105 16.45 -30.45 6.26
N ALA A 106 17.23 -29.94 5.31
CA ALA A 106 16.75 -29.55 3.97
C ALA A 106 16.06 -30.70 3.19
N LYS A 107 16.52 -31.96 3.36
CA LYS A 107 15.90 -33.14 2.71
C LYS A 107 14.50 -33.41 3.28
N ASP A 108 14.35 -33.30 4.63
CA ASP A 108 13.06 -33.48 5.31
C ASP A 108 12.04 -32.42 4.87
N VAL A 109 12.51 -31.18 4.64
CA VAL A 109 11.70 -30.03 4.19
C VAL A 109 11.21 -30.32 2.78
N ARG A 110 12.13 -30.67 1.86
CA ARG A 110 11.83 -31.00 0.46
C ARG A 110 10.91 -32.21 0.27
N ASN A 111 10.95 -33.19 1.20
CA ASN A 111 10.10 -34.39 1.12
C ASN A 111 8.78 -34.22 1.84
N LEU A 112 8.58 -33.01 2.46
CA LEU A 112 7.40 -32.62 3.24
C LEU A 112 7.22 -33.53 4.44
N SER A 113 8.34 -33.85 5.11
CA SER A 113 8.32 -34.71 6.30
C SER A 113 7.43 -34.12 7.38
N SER A 114 6.79 -34.99 8.16
CA SER A 114 5.89 -34.63 9.25
C SER A 114 6.53 -33.67 10.26
N LYS A 115 7.76 -33.97 10.69
CA LYS A 115 8.48 -33.15 11.67
C LYS A 115 8.79 -31.77 11.09
N ALA A 116 9.29 -31.71 9.84
CA ALA A 116 9.66 -30.47 9.15
C ALA A 116 8.45 -29.57 9.01
N VAL A 117 7.36 -30.11 8.44
CA VAL A 117 6.11 -29.39 8.21
C VAL A 117 5.49 -28.89 9.52
N ASN A 118 5.43 -29.73 10.57
CA ASN A 118 4.91 -29.34 11.88
C ASN A 118 5.64 -28.18 12.49
N HIS A 119 7.00 -28.22 12.47
CA HIS A 119 7.79 -27.13 13.03
CA HIS A 119 7.83 -27.15 13.01
C HIS A 119 7.63 -25.85 12.21
N ILE A 120 7.54 -25.96 10.89
CA ILE A 120 7.32 -24.83 10.00
C ILE A 120 5.97 -24.16 10.35
N ARG A 121 4.93 -24.98 10.60
CA ARG A 121 3.59 -24.47 10.94
C ARG A 121 3.57 -23.79 12.31
N SER A 122 4.40 -24.27 13.27
CA SER A 122 4.50 -23.65 14.60
C SER A 122 5.28 -22.34 14.55
N VAL A 123 6.30 -22.25 13.65
CA VAL A 123 7.09 -21.02 13.44
C VAL A 123 6.17 -19.97 12.83
N TRP A 124 5.36 -20.35 11.82
CA TRP A 124 4.38 -19.49 11.17
C TRP A 124 3.38 -18.90 12.18
N LYS A 125 2.76 -19.78 13.01
CA LYS A 125 1.79 -19.40 14.05
C LYS A 125 2.43 -18.43 15.05
N ASP A 126 3.71 -18.67 15.44
CA ASP A 126 4.46 -17.79 16.35
C ASP A 126 4.72 -16.40 15.73
N LEU A 127 4.89 -16.32 14.39
CA LEU A 127 5.05 -15.04 13.70
C LEU A 127 3.73 -14.28 13.75
N LEU A 128 2.59 -14.99 13.71
CA LEU A 128 1.28 -14.36 13.76
C LEU A 128 0.90 -13.94 15.15
N GLU A 129 1.38 -14.64 16.18
CA GLU A 129 1.01 -14.36 17.57
C GLU A 129 2.01 -13.48 18.31
N ASP A 130 3.30 -13.59 17.97
CA ASP A 130 4.36 -12.77 18.59
C ASP A 130 4.85 -11.74 17.58
N THR A 131 4.75 -10.46 17.96
CA THR A 131 5.08 -9.32 17.10
C THR A 131 6.38 -8.60 17.50
N GLU A 132 7.02 -9.00 18.64
CA GLU A 132 8.16 -8.28 19.20
C GLU A 132 9.44 -9.06 19.47
N THR A 133 9.36 -10.29 20.02
CA THR A 133 10.56 -11.04 20.42
C THR A 133 11.58 -11.21 19.30
N PRO A 134 12.81 -10.68 19.42
CA PRO A 134 13.80 -10.87 18.32
C PRO A 134 14.08 -12.34 18.03
N ILE A 135 14.19 -12.65 16.74
CA ILE A 135 14.45 -14.01 16.27
C ILE A 135 15.98 -14.18 16.23
N ASP A 136 16.47 -15.35 16.63
CA ASP A 136 17.90 -15.62 16.65
C ASP A 136 18.43 -15.85 15.25
N THR A 137 19.70 -15.43 15.02
CA THR A 137 20.43 -15.64 13.76
C THR A 137 21.80 -16.23 14.05
N THR A 138 22.38 -16.92 13.06
CA THR A 138 23.72 -17.47 13.11
C THR A 138 24.61 -16.53 12.34
N ILE A 139 25.82 -16.26 12.83
CA ILE A 139 26.85 -15.46 12.15
C ILE A 139 28.00 -16.43 11.75
N MET A 140 28.54 -16.27 10.54
CA MET A 140 29.61 -17.12 10.02
C MET A 140 30.42 -16.40 8.98
N ALA A 141 31.70 -16.78 8.85
CA ALA A 141 32.57 -16.18 7.84
C ALA A 141 32.34 -16.96 6.55
N LYS A 142 32.22 -16.24 5.44
CA LYS A 142 32.00 -16.83 4.12
C LYS A 142 33.36 -17.27 3.57
N ASN A 143 33.42 -18.45 2.95
CA ASN A 143 34.69 -18.93 2.35
C ASN A 143 34.61 -18.72 0.85
N GLU A 144 35.22 -17.63 0.40
CA GLU A 144 35.28 -17.23 -1.01
C GLU A 144 36.74 -17.25 -1.44
N VAL A 145 36.94 -17.66 -2.69
CA VAL A 145 38.24 -17.76 -3.33
C VAL A 145 38.53 -16.46 -4.09
N PHE A 146 39.72 -15.90 -3.86
CA PHE A 146 40.22 -14.67 -4.48
C PHE A 146 41.65 -14.90 -4.88
N CYS A 147 42.12 -14.13 -5.86
CA CYS A 147 43.47 -14.30 -6.33
C CYS A 147 44.49 -13.50 -5.54
N VAL A 148 45.57 -14.18 -5.11
CA VAL A 148 46.66 -13.60 -4.33
C VAL A 148 47.47 -12.59 -5.17
N GLN A 149 47.10 -11.30 -5.04
CA GLN A 149 47.76 -10.19 -5.75
C GLN A 149 48.62 -9.33 -4.78
N PRO A 150 49.97 -9.55 -4.69
CA PRO A 150 50.78 -8.75 -3.75
C PRO A 150 51.11 -7.33 -4.21
N GLU A 151 50.79 -7.00 -5.48
CA GLU A 151 50.99 -5.68 -6.09
C GLU A 151 50.00 -4.63 -5.53
N LYS A 152 48.70 -5.03 -5.34
CA LYS A 152 47.64 -4.17 -4.82
C LYS A 152 47.34 -4.44 -3.31
N GLY A 153 48.41 -4.48 -2.51
CA GLY A 153 48.34 -4.70 -1.07
C GLY A 153 48.35 -6.16 -0.65
N GLY A 154 47.29 -6.57 0.05
CA GLY A 154 47.13 -7.92 0.56
C GLY A 154 45.73 -8.51 0.49
N ARG A 155 45.58 -9.69 1.14
CA ARG A 155 44.38 -10.51 1.23
C ARG A 155 43.13 -9.76 1.75
N LYS A 156 41.95 -10.19 1.29
CA LYS A 156 40.66 -9.62 1.69
C LYS A 156 40.14 -10.35 2.93
N PRO A 157 39.64 -9.65 3.97
CA PRO A 157 39.04 -10.39 5.10
C PRO A 157 37.71 -11.02 4.64
N ALA A 158 37.36 -12.17 5.22
CA ALA A 158 36.11 -12.87 4.95
C ALA A 158 34.89 -11.96 5.12
N ARG A 159 33.92 -12.11 4.23
CA ARG A 159 32.65 -11.39 4.36
C ARG A 159 31.82 -12.23 5.35
N LEU A 160 31.06 -11.57 6.21
CA LEU A 160 30.24 -12.28 7.19
C LEU A 160 28.85 -12.55 6.64
N ILE A 161 28.27 -13.72 7.01
CA ILE A 161 26.92 -14.10 6.62
C ILE A 161 26.07 -14.27 7.90
N VAL A 162 24.90 -13.60 7.94
CA VAL A 162 23.98 -13.64 9.09
C VAL A 162 22.66 -14.27 8.60
N PHE A 163 22.25 -15.40 9.17
CA PHE A 163 21.02 -16.04 8.69
C PHE A 163 20.13 -16.64 9.78
N PRO A 164 18.78 -16.65 9.61
CA PRO A 164 17.92 -17.30 10.62
C PRO A 164 17.85 -18.84 10.40
N ASP A 165 17.12 -19.55 11.27
CA ASP A 165 16.95 -20.98 11.20
C ASP A 165 16.09 -21.39 9.98
N LEU A 166 16.33 -22.63 9.46
CA LEU A 166 15.65 -23.22 8.31
C LEU A 166 14.12 -23.02 8.33
N GLY A 167 13.52 -23.18 9.50
CA GLY A 167 12.08 -23.00 9.69
C GLY A 167 11.62 -21.57 9.46
N VAL A 168 12.44 -20.58 9.88
CA VAL A 168 12.16 -19.15 9.69
C VAL A 168 12.32 -18.82 8.20
N ARG A 169 13.34 -19.43 7.57
CA ARG A 169 13.65 -19.29 6.14
C ARG A 169 12.50 -19.79 5.25
N VAL A 170 11.79 -20.89 5.64
CA VAL A 170 10.64 -21.41 4.89
C VAL A 170 9.45 -20.45 5.03
N CYS A 171 9.21 -19.91 6.24
CA CYS A 171 8.16 -18.92 6.52
C CYS A 171 8.35 -17.62 5.76
N GLU A 172 9.61 -17.17 5.62
CA GLU A 172 9.99 -15.98 4.84
C GLU A 172 9.48 -16.14 3.41
N LYS A 173 9.66 -17.34 2.79
CA LYS A 173 9.22 -17.63 1.42
C LYS A 173 7.69 -17.57 1.31
N MET A 174 6.97 -18.18 2.28
CA MET A 174 5.51 -18.17 2.33
C MET A 174 4.98 -16.73 2.31
N ALA A 175 5.56 -15.88 3.15
CA ALA A 175 5.15 -14.49 3.28
C ALA A 175 5.62 -13.55 2.17
N LEU A 176 6.89 -13.68 1.76
CA LEU A 176 7.54 -12.72 0.89
C LEU A 176 8.14 -13.21 -0.45
N TYR A 177 8.07 -14.51 -0.79
CA TYR A 177 8.64 -14.94 -2.07
C TYR A 177 8.02 -14.19 -3.26
N ASP A 178 6.69 -14.08 -3.31
CA ASP A 178 6.01 -13.40 -4.40
C ASP A 178 6.27 -11.90 -4.36
N VAL A 179 6.38 -11.29 -3.17
CA VAL A 179 6.67 -9.85 -3.00
C VAL A 179 8.02 -9.52 -3.65
N VAL A 180 9.11 -10.18 -3.19
CA VAL A 180 10.49 -9.94 -3.61
C VAL A 180 10.76 -10.35 -5.05
N SER A 181 9.83 -11.08 -5.68
CA SER A 181 9.94 -11.52 -7.08
C SER A 181 9.26 -10.54 -8.04
N THR A 182 8.19 -9.84 -7.58
CA THR A 182 7.32 -9.00 -8.38
C THR A 182 7.50 -7.50 -8.12
N LEU A 183 7.63 -7.11 -6.84
CA LEU A 183 7.67 -5.72 -6.39
C LEU A 183 8.87 -4.91 -6.93
N PRO A 184 10.14 -5.36 -6.87
CA PRO A 184 11.24 -4.50 -7.37
C PRO A 184 11.06 -4.00 -8.80
N GLN A 185 10.56 -4.86 -9.70
CA GLN A 185 10.26 -4.53 -11.08
C GLN A 185 9.14 -3.49 -11.14
N ALA A 186 8.01 -3.74 -10.46
CA ALA A 186 6.87 -2.82 -10.47
C ALA A 186 7.22 -1.42 -9.99
N VAL A 187 8.14 -1.32 -9.00
CA VAL A 187 8.59 -0.08 -8.36
C VAL A 187 9.67 0.68 -9.15
N MET A 188 10.73 -0.04 -9.54
CA MET A 188 11.88 0.54 -10.20
C MET A 188 11.89 0.44 -11.73
N GLY A 189 10.98 -0.36 -12.31
CA GLY A 189 10.84 -0.57 -13.75
C GLY A 189 12.13 -1.03 -14.38
N SER A 190 12.52 -0.35 -15.47
CA SER A 190 13.73 -0.68 -16.23
C SER A 190 15.03 -0.51 -15.41
N SER A 191 15.00 0.21 -14.27
CA SER A 191 16.17 0.42 -13.40
C SER A 191 16.56 -0.82 -12.61
N TYR A 192 15.61 -1.75 -12.44
CA TYR A 192 15.83 -3.00 -11.70
C TYR A 192 16.72 -3.94 -12.54
N GLY A 193 17.95 -4.12 -12.09
CA GLY A 193 18.96 -4.86 -12.81
C GLY A 193 18.75 -6.35 -12.97
N PHE A 194 18.13 -6.99 -11.99
CA PHE A 194 17.95 -8.44 -11.99
C PHE A 194 16.90 -8.96 -12.95
N GLN A 195 16.18 -8.08 -13.66
CA GLN A 195 15.17 -8.52 -14.64
C GLN A 195 15.84 -8.82 -15.98
N TYR A 196 17.12 -8.50 -16.10
CA TYR A 196 17.92 -8.60 -17.31
C TYR A 196 18.87 -9.76 -17.36
N SER A 197 18.86 -10.48 -18.50
CA SER A 197 19.85 -11.52 -18.82
C SER A 197 21.16 -10.71 -19.13
N PRO A 198 22.40 -11.26 -19.17
CA PRO A 198 23.58 -10.39 -19.43
C PRO A 198 23.49 -9.54 -20.69
N GLY A 199 22.86 -10.07 -21.74
CA GLY A 199 22.62 -9.41 -23.02
C GLY A 199 21.62 -8.27 -22.93
N GLN A 200 20.48 -8.49 -22.25
CA GLN A 200 19.42 -7.51 -22.02
C GLN A 200 19.95 -6.38 -21.16
N ARG A 201 20.88 -6.68 -20.22
CA ARG A 201 21.54 -5.67 -19.36
C ARG A 201 22.38 -4.78 -20.27
N VAL A 202 23.09 -5.41 -21.23
CA VAL A 202 23.95 -4.77 -22.22
C VAL A 202 23.10 -3.88 -23.14
N GLU A 203 21.98 -4.40 -23.65
CA GLU A 203 21.03 -3.69 -24.52
C GLU A 203 20.48 -2.41 -23.81
N PHE A 204 20.11 -2.53 -22.51
CA PHE A 204 19.61 -1.43 -21.69
C PHE A 204 20.64 -0.29 -21.60
N LEU A 205 21.90 -0.63 -21.28
CA LEU A 205 22.99 0.34 -21.14
C LEU A 205 23.36 1.03 -22.44
N VAL A 206 23.39 0.27 -23.55
CA VAL A 206 23.70 0.78 -24.88
C VAL A 206 22.62 1.78 -25.28
N ASN A 207 21.32 1.39 -25.12
CA ASN A 207 20.19 2.26 -25.44
C ASN A 207 20.16 3.52 -24.60
N ALA A 208 20.52 3.44 -23.31
CA ALA A 208 20.53 4.57 -22.40
C ALA A 208 21.65 5.53 -22.72
N TRP A 209 22.83 5.00 -23.09
CA TRP A 209 24.01 5.77 -23.45
C TRP A 209 23.74 6.54 -24.77
N LYS A 210 23.13 5.87 -25.77
CA LYS A 210 22.78 6.41 -27.07
C LYS A 210 21.70 7.49 -26.98
N ALA A 211 20.82 7.39 -25.95
CA ALA A 211 19.71 8.32 -25.71
C ALA A 211 20.17 9.72 -25.31
N LYS A 212 21.40 9.85 -24.78
CA LYS A 212 21.95 11.14 -24.34
C LYS A 212 22.67 11.82 -25.50
N LYS A 213 22.62 13.18 -25.54
CA LYS A 213 23.29 14.03 -26.54
C LYS A 213 24.78 13.88 -26.28
N CYS A 214 25.21 14.21 -25.04
CA CYS A 214 26.57 14.05 -24.55
C CYS A 214 26.55 13.20 -23.26
N PRO A 215 26.63 11.85 -23.40
CA PRO A 215 26.56 10.98 -22.21
C PRO A 215 27.74 10.98 -21.25
N MET A 216 27.42 10.85 -19.96
CA MET A 216 28.33 10.66 -18.85
C MET A 216 27.74 9.57 -17.95
N GLY A 217 28.59 8.66 -17.51
CA GLY A 217 28.22 7.56 -16.64
C GLY A 217 29.17 7.36 -15.48
N PHE A 218 28.67 6.80 -14.37
CA PHE A 218 29.51 6.48 -13.21
C PHE A 218 28.94 5.35 -12.42
N ALA A 219 29.83 4.66 -11.72
CA ALA A 219 29.49 3.59 -10.79
C ALA A 219 29.63 4.20 -9.39
N TYR A 220 28.73 3.83 -8.48
CA TYR A 220 28.82 4.29 -7.10
C TYR A 220 28.84 3.07 -6.19
N ASP A 221 29.94 2.96 -5.45
CA ASP A 221 30.18 1.86 -4.54
C ASP A 221 30.06 2.35 -3.09
N THR A 222 29.13 1.78 -2.32
CA THR A 222 28.93 2.15 -0.92
C THR A 222 29.85 1.28 -0.06
N ARG A 223 30.51 1.89 0.93
CA ARG A 223 31.37 1.20 1.89
C ARG A 223 30.42 0.43 2.86
N CYS A 224 30.56 -0.92 2.92
CA CYS A 224 29.79 -1.86 3.76
C CYS A 224 28.32 -1.52 3.74
N PHE A 225 27.67 -1.70 2.58
CA PHE A 225 26.27 -1.33 2.39
C PHE A 225 25.35 -1.92 3.46
N ASP A 226 25.45 -3.24 3.74
CA ASP A 226 24.62 -3.88 4.77
C ASP A 226 24.68 -3.16 6.10
N SER A 227 25.89 -2.73 6.50
CA SER A 227 26.14 -1.96 7.74
C SER A 227 25.51 -0.55 7.73
N THR A 228 25.44 0.10 6.56
CA THR A 228 24.87 1.45 6.42
C THR A 228 23.34 1.44 6.50
N VAL A 229 22.71 0.25 6.40
CA VAL A 229 21.27 0.11 6.44
C VAL A 229 20.74 0.27 7.87
N THR A 230 20.04 1.37 8.11
CA THR A 230 19.46 1.71 9.41
C THR A 230 18.11 1.00 9.62
N GLU A 231 17.57 1.01 10.86
CA GLU A 231 16.26 0.40 11.10
C GLU A 231 15.15 1.17 10.41
N ASN A 232 15.36 2.47 10.16
CA ASN A 232 14.39 3.27 9.44
C ASN A 232 14.35 2.85 7.99
N ASP A 233 15.53 2.56 7.39
CA ASP A 233 15.64 2.09 6.01
C ASP A 233 14.80 0.81 5.85
N ILE A 234 14.91 -0.09 6.85
CA ILE A 234 14.19 -1.38 6.92
C ILE A 234 12.67 -1.15 7.15
N ARG A 235 12.26 -0.12 7.93
CA ARG A 235 10.84 0.21 8.17
C ARG A 235 10.19 0.88 6.93
N VAL A 236 10.98 1.71 6.21
CA VAL A 236 10.58 2.37 4.95
C VAL A 236 10.39 1.28 3.85
N GLU A 237 11.24 0.26 3.87
CA GLU A 237 11.21 -0.91 2.97
C GLU A 237 9.91 -1.70 3.21
N GLU A 238 9.53 -1.88 4.49
CA GLU A 238 8.27 -2.52 4.86
C GLU A 238 7.09 -1.65 4.40
N SER A 239 7.20 -0.30 4.51
CA SER A 239 6.11 0.58 4.06
C SER A 239 5.82 0.41 2.57
N ILE A 240 6.85 0.01 1.79
CA ILE A 240 6.72 -0.29 0.37
C ILE A 240 6.01 -1.65 0.22
N TYR A 241 6.41 -2.68 1.00
CA TYR A 241 5.79 -4.03 0.97
C TYR A 241 4.31 -3.95 1.32
N GLN A 242 3.96 -3.15 2.34
CA GLN A 242 2.61 -2.95 2.84
C GLN A 242 1.64 -2.30 1.81
N CYS A 243 2.19 -1.77 0.68
CA CYS A 243 1.41 -1.18 -0.42
C CYS A 243 0.84 -2.30 -1.34
N CYS A 244 1.36 -3.53 -1.23
CA CYS A 244 0.88 -4.70 -1.97
C CYS A 244 -0.48 -5.12 -1.47
N ASP A 245 -1.25 -5.81 -2.33
CA ASP A 245 -2.47 -6.44 -1.91
C ASP A 245 -1.91 -7.71 -1.31
N LEU A 246 -2.19 -7.94 -0.02
CA LEU A 246 -1.64 -9.07 0.75
C LEU A 246 -2.72 -9.76 1.52
N ALA A 247 -2.55 -11.06 1.75
CA ALA A 247 -3.45 -11.88 2.58
C ALA A 247 -3.23 -11.42 4.01
N PRO A 248 -4.27 -11.39 4.86
CA PRO A 248 -4.07 -10.88 6.25
C PRO A 248 -2.88 -11.46 7.03
N GLU A 249 -2.62 -12.77 6.88
CA GLU A 249 -1.53 -13.49 7.54
C GLU A 249 -0.19 -13.13 6.93
N ALA A 250 -0.14 -12.85 5.60
CA ALA A 250 1.08 -12.39 4.91
C ALA A 250 1.43 -10.98 5.46
N ARG A 251 0.42 -10.14 5.63
CA ARG A 251 0.54 -8.80 6.16
C ARG A 251 1.13 -8.81 7.60
N GLN A 252 0.62 -9.69 8.49
CA GLN A 252 1.11 -9.85 9.86
C GLN A 252 2.53 -10.44 9.87
N ALA A 253 2.77 -11.48 9.04
CA ALA A 253 4.10 -12.09 8.96
C ALA A 253 5.16 -11.06 8.53
N ILE A 254 4.86 -10.16 7.56
CA ILE A 254 5.78 -9.12 7.11
C ILE A 254 6.07 -8.14 8.24
N ARG A 255 5.03 -7.74 8.99
CA ARG A 255 5.10 -6.83 10.14
C ARG A 255 5.96 -7.43 11.25
N SER A 256 5.68 -8.69 11.64
CA SER A 256 6.43 -9.46 12.64
C SER A 256 7.85 -9.74 12.22
N LEU A 257 8.10 -10.19 10.97
CA LEU A 257 9.45 -10.42 10.46
C LEU A 257 10.30 -9.15 10.41
N THR A 258 9.68 -7.97 10.11
CA THR A 258 10.40 -6.68 10.11
C THR A 258 10.92 -6.39 11.50
N GLU A 259 10.00 -6.36 12.49
CA GLU A 259 10.30 -6.06 13.90
C GLU A 259 11.25 -7.05 14.59
N ARG A 260 11.03 -8.35 14.39
CA ARG A 260 11.79 -9.43 15.07
C ARG A 260 13.01 -9.91 14.33
N LEU A 261 13.08 -9.69 13.02
CA LEU A 261 14.21 -10.20 12.26
C LEU A 261 14.93 -9.16 11.40
N TYR A 262 14.19 -8.50 10.50
CA TYR A 262 14.83 -7.63 9.52
C TYR A 262 15.52 -6.40 10.15
N ILE A 263 14.94 -5.71 11.18
CA ILE A 263 15.62 -4.54 11.80
C ILE A 263 16.85 -4.96 12.61
N GLY A 264 16.80 -6.15 13.21
CA GLY A 264 17.92 -6.64 14.00
C GLY A 264 17.59 -7.84 14.86
N GLY A 265 18.55 -8.18 15.71
CA GLY A 265 18.44 -9.33 16.58
C GLY A 265 19.80 -9.85 17.04
N PRO A 266 19.77 -10.89 17.90
CA PRO A 266 21.04 -11.39 18.47
C PRO A 266 21.79 -12.27 17.50
N LEU A 267 23.13 -12.31 17.66
CA LEU A 267 24.03 -13.12 16.83
C LEU A 267 24.55 -14.31 17.64
N THR A 268 24.59 -15.48 17.01
CA THR A 268 25.02 -16.74 17.61
C THR A 268 26.06 -17.37 16.71
N ASN A 269 27.22 -17.72 17.28
CA ASN A 269 28.23 -18.35 16.44
C ASN A 269 27.87 -19.83 16.12
N SER A 270 28.71 -20.51 15.30
CA SER A 270 28.50 -21.91 14.91
C SER A 270 28.48 -22.89 16.11
N LYS A 271 29.15 -22.50 17.23
CA LYS A 271 29.25 -23.26 18.48
C LYS A 271 28.08 -23.00 19.47
N GLY A 272 27.15 -22.09 19.12
CA GLY A 272 25.99 -21.77 19.94
C GLY A 272 26.24 -20.70 21.00
N GLN A 273 27.35 -19.99 20.92
CA GLN A 273 27.59 -18.95 21.92
C GLN A 273 27.25 -17.55 21.41
N ASN A 274 26.72 -16.69 22.30
CA ASN A 274 26.29 -15.33 21.97
C ASN A 274 27.49 -14.47 21.52
N CYS A 275 27.41 -13.96 20.28
CA CYS A 275 28.42 -13.13 19.62
C CYS A 275 28.13 -11.66 19.73
N GLY A 276 26.90 -11.31 20.08
CA GLY A 276 26.47 -9.92 20.18
C GLY A 276 25.14 -9.67 19.50
N TYR A 277 25.00 -8.50 18.86
CA TYR A 277 23.74 -8.07 18.28
C TYR A 277 23.95 -7.34 16.97
N ARG A 278 22.90 -7.33 16.13
CA ARG A 278 22.90 -6.65 14.83
C ARG A 278 21.73 -5.67 14.79
N ARG A 279 21.98 -4.43 14.28
CA ARG A 279 20.97 -3.39 14.09
C ARG A 279 21.02 -2.85 12.66
N CYS A 280 21.48 -3.69 11.72
CA CYS A 280 21.62 -3.37 10.29
C CYS A 280 21.07 -4.54 9.44
N ARG A 281 21.27 -4.49 8.11
CA ARG A 281 20.84 -5.56 7.20
C ARG A 281 21.58 -6.89 7.46
N ALA A 282 20.81 -8.00 7.57
CA ALA A 282 21.35 -9.37 7.63
C ALA A 282 21.49 -9.81 6.17
N SER A 283 22.65 -10.31 5.82
CA SER A 283 22.97 -10.74 4.45
C SER A 283 22.25 -12.01 3.99
N GLY A 284 21.81 -12.84 4.93
CA GLY A 284 21.18 -14.13 4.67
C GLY A 284 19.71 -14.22 4.97
N VAL A 285 18.93 -13.20 4.57
CA VAL A 285 17.47 -13.23 4.71
C VAL A 285 16.89 -13.09 3.30
N LEU A 286 15.64 -13.54 3.10
CA LEU A 286 15.00 -13.47 1.78
C LEU A 286 14.95 -12.05 1.20
N THR A 287 14.71 -11.02 2.05
CA THR A 287 14.57 -9.63 1.65
C THR A 287 15.90 -8.88 1.43
N THR A 288 17.06 -9.54 1.57
CA THR A 288 18.37 -8.86 1.41
C THR A 288 18.52 -8.18 0.05
N SER A 289 18.34 -8.94 -1.05
CA SER A 289 18.48 -8.40 -2.40
C SER A 289 17.45 -7.32 -2.70
N CYS A 290 16.16 -7.63 -2.49
CA CYS A 290 15.05 -6.71 -2.69
C CYS A 290 15.24 -5.43 -1.87
N GLY A 291 15.46 -5.58 -0.58
CA GLY A 291 15.66 -4.48 0.37
C GLY A 291 16.83 -3.60 -0.03
N ASN A 292 17.99 -4.22 -0.35
CA ASN A 292 19.17 -3.46 -0.78
C ASN A 292 18.94 -2.67 -2.06
N THR A 293 18.26 -3.29 -3.04
CA THR A 293 17.95 -2.67 -4.31
C THR A 293 17.02 -1.48 -4.13
N LEU A 294 15.92 -1.66 -3.37
CA LEU A 294 14.94 -0.61 -3.09
C LEU A 294 15.59 0.56 -2.34
N THR A 295 16.42 0.25 -1.32
CA THR A 295 17.15 1.21 -0.49
C THR A 295 18.20 1.96 -1.31
N CYS A 296 18.99 1.25 -2.11
CA CYS A 296 20.02 1.88 -2.94
C CYS A 296 19.40 2.78 -3.99
N TYR A 297 18.29 2.33 -4.64
CA TYR A 297 17.56 3.09 -5.64
C TYR A 297 16.98 4.37 -5.03
N LEU A 298 16.32 4.26 -3.86
CA LEU A 298 15.71 5.36 -3.15
C LEU A 298 16.73 6.44 -2.85
N LYS A 299 17.83 6.05 -2.20
CA LYS A 299 18.88 6.98 -1.83
C LYS A 299 19.53 7.63 -3.05
N ALA A 300 19.85 6.83 -4.09
CA ALA A 300 20.47 7.31 -5.33
C ALA A 300 19.57 8.21 -6.16
N ALA A 301 18.29 7.86 -6.32
CA ALA A 301 17.34 8.68 -7.09
C ALA A 301 17.15 10.07 -6.44
N ALA A 302 17.12 10.10 -5.10
CA ALA A 302 17.01 11.30 -4.28
C ALA A 302 18.29 12.13 -4.40
N ALA A 303 19.47 11.46 -4.31
CA ALA A 303 20.80 12.11 -4.45
C ALA A 303 21.03 12.70 -5.86
N CYS A 304 20.44 12.08 -6.90
CA CYS A 304 20.52 12.56 -8.27
C CYS A 304 19.86 13.95 -8.36
N ARG A 305 18.79 14.15 -7.60
CA ARG A 305 18.06 15.42 -7.55
C ARG A 305 18.86 16.47 -6.78
N ALA A 306 19.44 16.08 -5.62
CA ALA A 306 20.25 16.96 -4.79
C ALA A 306 21.45 17.51 -5.57
N ALA A 307 22.07 16.67 -6.44
CA ALA A 307 23.23 16.96 -7.30
C ALA A 307 22.83 17.62 -8.60
N LYS A 308 21.52 17.70 -8.88
CA LYS A 308 20.94 18.30 -10.09
C LYS A 308 21.53 17.73 -11.38
N LEU A 309 21.63 16.39 -11.43
CA LEU A 309 22.13 15.64 -12.57
C LEU A 309 20.98 15.60 -13.57
N GLN A 310 21.25 15.92 -14.83
CA GLN A 310 20.18 15.97 -15.83
C GLN A 310 20.00 14.68 -16.58
N ASP A 311 18.73 14.29 -16.79
CA ASP A 311 18.24 13.13 -17.53
C ASP A 311 18.96 11.83 -17.09
N CYS A 312 18.78 11.46 -15.82
CA CYS A 312 19.36 10.28 -15.20
C CYS A 312 18.67 9.01 -15.59
N THR A 313 19.48 7.97 -15.77
CA THR A 313 19.09 6.60 -16.07
C THR A 313 19.93 5.77 -15.12
N MET A 314 19.28 5.02 -14.24
CA MET A 314 19.98 4.20 -13.25
C MET A 314 19.80 2.74 -13.48
N LEU A 315 20.80 1.95 -13.12
CA LEU A 315 20.76 0.50 -13.14
C LEU A 315 21.25 0.09 -11.75
N VAL A 316 20.38 -0.58 -10.98
CA VAL A 316 20.64 -0.99 -9.60
C VAL A 316 20.51 -2.51 -9.42
N CYS A 317 21.51 -3.15 -8.77
CA CYS A 317 21.56 -4.57 -8.40
C CYS A 317 22.05 -4.58 -6.96
N GLY A 318 21.12 -4.69 -6.01
CA GLY A 318 21.49 -4.59 -4.60
C GLY A 318 22.17 -3.26 -4.34
N ASP A 319 23.40 -3.31 -3.83
CA ASP A 319 24.27 -2.16 -3.54
C ASP A 319 25.04 -1.66 -4.78
N ASP A 320 24.96 -2.40 -5.91
CA ASP A 320 25.64 -2.04 -7.15
C ASP A 320 24.80 -1.06 -7.98
N LEU A 321 25.27 0.20 -8.08
CA LEU A 321 24.59 1.28 -8.79
C LEU A 321 25.42 1.86 -9.93
N VAL A 322 24.75 2.13 -11.06
CA VAL A 322 25.34 2.79 -12.23
C VAL A 322 24.40 3.91 -12.66
N VAL A 323 24.94 5.13 -12.81
CA VAL A 323 24.14 6.27 -13.26
C VAL A 323 24.63 6.75 -14.64
N ILE A 324 23.72 6.80 -15.61
CA ILE A 324 24.00 7.31 -16.95
C ILE A 324 23.16 8.57 -17.07
N CYS A 325 23.81 9.69 -17.34
CA CYS A 325 23.13 10.98 -17.47
C CYS A 325 23.72 11.83 -18.58
N GLU A 326 23.15 13.04 -18.72
CA GLU A 326 23.55 14.08 -19.66
C GLU A 326 24.72 14.89 -19.02
N SER A 327 25.88 14.95 -19.69
CA SER A 327 27.05 15.70 -19.21
C SER A 327 26.79 17.21 -19.21
N ALA A 328 27.26 17.91 -18.15
CA ALA A 328 27.12 19.36 -18.01
C ALA A 328 28.46 20.07 -18.24
N GLY A 329 29.47 19.31 -18.67
CA GLY A 329 30.84 19.78 -18.86
C GLY A 329 31.73 19.07 -17.87
N THR A 330 33.02 18.95 -18.21
CA THR A 330 34.03 18.25 -17.42
C THR A 330 34.08 18.66 -15.94
N GLN A 331 34.21 19.97 -15.68
CA GLN A 331 34.32 20.54 -14.33
C GLN A 331 33.03 20.41 -13.55
N GLU A 332 31.89 20.67 -14.24
CA GLU A 332 30.54 20.59 -13.71
C GLU A 332 30.17 19.14 -13.31
N ASP A 333 30.58 18.15 -14.15
CA ASP A 333 30.36 16.73 -13.90
C ASP A 333 31.07 16.28 -12.62
N GLU A 334 32.33 16.73 -12.39
CA GLU A 334 33.09 16.43 -11.16
C GLU A 334 32.42 17.05 -9.93
N ALA A 335 31.88 18.27 -10.09
CA ALA A 335 31.17 18.97 -9.03
C ALA A 335 29.83 18.28 -8.71
N SER A 336 29.07 17.82 -9.73
CA SER A 336 27.80 17.12 -9.50
C SER A 336 28.01 15.75 -8.81
N LEU A 337 29.15 15.09 -9.07
CA LEU A 337 29.47 13.80 -8.45
C LEU A 337 29.81 13.93 -6.98
N ARG A 338 30.52 15.01 -6.59
CA ARG A 338 30.83 15.32 -5.19
C ARG A 338 29.55 15.66 -4.43
N ALA A 339 28.59 16.30 -5.14
CA ALA A 339 27.28 16.68 -4.61
C ALA A 339 26.41 15.42 -4.38
N PHE A 340 26.38 14.50 -5.37
CA PHE A 340 25.69 13.20 -5.32
C PHE A 340 26.19 12.42 -4.08
N THR A 341 27.54 12.34 -3.93
CA THR A 341 28.26 11.69 -2.82
C THR A 341 27.92 12.35 -1.46
N GLU A 342 27.83 13.69 -1.41
CA GLU A 342 27.47 14.43 -0.20
C GLU A 342 26.05 14.02 0.25
N ALA A 343 25.10 13.95 -0.72
CA ALA A 343 23.71 13.52 -0.44
C ALA A 343 23.63 12.07 0.06
N MET A 344 24.24 11.09 -0.67
CA MET A 344 24.28 9.66 -0.30
C MET A 344 24.85 9.47 1.11
N THR A 345 25.92 10.24 1.43
CA THR A 345 26.56 10.20 2.74
C THR A 345 25.59 10.61 3.84
N ARG A 346 24.78 11.67 3.62
CA ARG A 346 23.75 12.13 4.58
C ARG A 346 22.72 11.02 4.80
N TYR A 347 22.33 10.33 3.72
CA TYR A 347 21.38 9.22 3.76
C TYR A 347 21.97 7.94 4.38
N SER A 348 23.26 7.99 4.81
CA SER A 348 24.07 6.89 5.36
C SER A 348 24.32 5.83 4.30
N ALA A 349 25.09 6.24 3.28
CA ALA A 349 25.52 5.42 2.15
C ALA A 349 26.81 6.08 1.61
N PRO A 350 27.87 6.20 2.46
CA PRO A 350 29.09 6.88 2.00
C PRO A 350 29.88 5.98 1.04
N PRO A 351 30.76 6.52 0.18
CA PRO A 351 31.44 5.64 -0.77
C PRO A 351 32.68 4.96 -0.22
N GLY A 352 33.02 3.82 -0.82
CA GLY A 352 34.26 3.13 -0.54
C GLY A 352 35.30 3.93 -1.31
N ASP A 353 35.27 3.78 -2.62
CA ASP A 353 36.09 4.57 -3.53
C ASP A 353 35.20 5.68 -4.08
N PRO A 354 35.66 6.94 -4.13
CA PRO A 354 34.81 8.02 -4.65
C PRO A 354 34.47 7.80 -6.13
N PRO A 355 33.25 8.18 -6.60
CA PRO A 355 32.90 7.91 -8.01
C PRO A 355 33.62 8.78 -9.03
N LYS A 356 33.90 8.22 -10.21
CA LYS A 356 34.58 8.96 -11.24
C LYS A 356 33.74 9.04 -12.51
N PRO A 357 33.63 10.20 -13.15
CA PRO A 357 32.84 10.27 -14.38
C PRO A 357 33.56 9.58 -15.54
N GLU A 358 32.81 8.85 -16.36
CA GLU A 358 33.31 8.15 -17.54
C GLU A 358 32.57 8.67 -18.75
N TYR A 359 33.25 8.73 -19.91
CA TYR A 359 32.66 9.29 -21.13
C TYR A 359 32.62 8.29 -22.27
N ASP A 360 32.91 7.03 -21.95
CA ASP A 360 32.79 5.86 -22.84
C ASP A 360 32.05 4.79 -22.05
N LEU A 361 31.06 4.12 -22.66
CA LEU A 361 30.26 3.08 -21.99
C LEU A 361 31.12 1.89 -21.54
N GLU A 362 32.11 1.53 -22.36
CA GLU A 362 33.05 0.45 -22.11
C GLU A 362 33.89 0.69 -20.85
N LEU A 363 34.03 1.95 -20.43
CA LEU A 363 34.83 2.35 -19.27
C LEU A 363 34.15 2.20 -17.91
N ILE A 364 32.82 2.02 -17.88
CA ILE A 364 32.06 1.85 -16.64
C ILE A 364 32.13 0.39 -16.18
N THR A 365 32.62 0.15 -14.94
CA THR A 365 32.69 -1.18 -14.34
C THR A 365 31.61 -1.30 -13.29
N SER A 366 30.61 -2.14 -13.58
CA SER A 366 29.40 -2.41 -12.78
C SER A 366 29.21 -3.92 -12.62
N CYS A 367 29.04 -4.39 -11.35
CA CYS A 367 28.94 -5.80 -10.96
C CYS A 367 30.20 -6.50 -11.47
N SER A 368 31.34 -5.77 -11.35
CA SER A 368 32.69 -6.13 -11.76
C SER A 368 32.84 -6.43 -13.26
N SER A 369 31.81 -6.06 -14.05
CA SER A 369 31.66 -6.22 -15.50
C SER A 369 31.68 -4.93 -16.32
N ASN A 370 31.97 -5.06 -17.61
CA ASN A 370 32.01 -3.95 -18.55
C ASN A 370 31.49 -4.38 -19.93
N VAL A 371 30.93 -3.44 -20.70
CA VAL A 371 30.47 -3.68 -22.06
C VAL A 371 31.73 -3.74 -22.96
N SER A 372 31.71 -4.65 -23.94
CA SER A 372 32.71 -4.79 -24.98
C SER A 372 31.95 -5.10 -26.28
N VAL A 373 32.61 -4.98 -27.45
CA VAL A 373 31.95 -5.23 -28.75
C VAL A 373 32.72 -6.33 -29.46
N ALA A 374 32.05 -7.02 -30.36
CA ALA A 374 32.58 -8.06 -31.22
C ALA A 374 31.75 -8.05 -32.49
N HIS A 375 32.04 -8.99 -33.38
CA HIS A 375 31.30 -9.17 -34.61
C HIS A 375 30.76 -10.58 -34.62
N ASP A 376 29.58 -10.78 -35.24
CA ASP A 376 29.00 -12.10 -35.45
C ASP A 376 29.59 -12.64 -36.78
N ALA A 377 29.09 -13.78 -37.29
CA ALA A 377 29.57 -14.40 -38.54
C ALA A 377 29.45 -13.48 -39.80
N SER A 378 28.42 -12.61 -39.83
CA SER A 378 28.18 -11.72 -40.98
C SER A 378 28.82 -10.34 -40.88
N GLY A 379 29.76 -10.15 -39.95
CA GLY A 379 30.46 -8.89 -39.74
C GLY A 379 29.71 -7.84 -38.93
N LYS A 380 28.46 -8.16 -38.50
CA LYS A 380 27.61 -7.26 -37.73
C LYS A 380 28.14 -7.06 -36.29
N ARG A 381 28.07 -5.82 -35.75
CA ARG A 381 28.49 -5.54 -34.38
C ARG A 381 27.56 -6.23 -33.36
N VAL A 382 28.13 -6.73 -32.27
CA VAL A 382 27.42 -7.40 -31.20
C VAL A 382 28.05 -6.90 -29.88
N TYR A 383 27.25 -6.22 -29.04
CA TYR A 383 27.66 -5.78 -27.71
C TYR A 383 27.50 -6.96 -26.77
N TYR A 384 28.43 -7.11 -25.82
CA TYR A 384 28.34 -8.19 -24.84
C TYR A 384 29.01 -7.73 -23.57
N LEU A 385 28.69 -8.42 -22.48
CA LEU A 385 29.19 -8.15 -21.14
C LEU A 385 30.35 -9.08 -20.84
N THR A 386 31.45 -8.49 -20.39
CA THR A 386 32.66 -9.22 -20.00
C THR A 386 33.13 -8.72 -18.64
N ARG A 387 34.22 -9.28 -18.13
CA ARG A 387 34.85 -8.85 -16.87
C ARG A 387 36.30 -9.31 -16.88
N ASP A 388 37.10 -8.83 -15.91
CA ASP A 388 38.47 -9.31 -15.76
C ASP A 388 38.38 -10.82 -15.40
N PRO A 389 39.14 -11.72 -16.09
CA PRO A 389 38.96 -13.15 -15.86
C PRO A 389 39.77 -13.78 -14.72
N THR A 390 40.59 -13.01 -13.98
CA THR A 390 41.42 -13.50 -12.88
C THR A 390 40.61 -14.27 -11.83
N THR A 391 39.58 -13.65 -11.25
CA THR A 391 38.76 -14.30 -10.22
C THR A 391 38.00 -15.51 -10.84
N PRO A 392 37.26 -15.40 -11.97
CA PRO A 392 36.66 -16.60 -12.56
C PRO A 392 37.62 -17.78 -12.77
N LEU A 393 38.85 -17.53 -13.28
CA LEU A 393 39.84 -18.58 -13.52
C LEU A 393 40.43 -19.17 -12.21
N ALA A 394 40.73 -18.30 -11.21
CA ALA A 394 41.27 -18.71 -9.91
C ALA A 394 40.28 -19.58 -9.15
N ARG A 395 38.98 -19.22 -9.21
CA ARG A 395 37.90 -19.97 -8.57
C ARG A 395 37.66 -21.28 -9.29
N ALA A 396 37.78 -21.28 -10.64
CA ALA A 396 37.66 -22.48 -11.47
C ALA A 396 38.80 -23.45 -11.13
N ALA A 397 40.05 -22.92 -10.96
CA ALA A 397 41.22 -23.74 -10.60
C ALA A 397 41.05 -24.42 -9.23
N TRP A 398 40.45 -23.70 -8.27
CA TRP A 398 40.13 -24.21 -6.93
C TRP A 398 39.11 -25.35 -7.06
N GLU A 399 38.06 -25.13 -7.89
CA GLU A 399 36.98 -26.08 -8.17
C GLU A 399 37.45 -27.37 -8.87
N THR A 400 38.52 -27.31 -9.69
CA THR A 400 39.07 -28.53 -10.31
C THR A 400 39.93 -29.29 -9.30
N ALA A 401 40.64 -28.55 -8.40
CA ALA A 401 41.51 -29.07 -7.37
C ALA A 401 40.78 -29.91 -6.32
N ARG A 402 39.65 -29.39 -5.82
CA ARG A 402 38.84 -30.05 -4.81
C ARG A 402 37.35 -29.99 -5.13
N HIS A 403 36.55 -30.93 -4.60
CA HIS A 403 35.10 -30.94 -4.78
C HIS A 403 34.47 -29.74 -4.05
N THR A 404 33.55 -29.04 -4.72
CA THR A 404 32.88 -27.85 -4.18
C THR A 404 31.34 -28.01 -4.27
N PRO A 405 30.56 -27.38 -3.34
CA PRO A 405 29.09 -27.48 -3.42
C PRO A 405 28.54 -26.79 -4.68
N VAL A 406 28.88 -25.51 -4.90
CA VAL A 406 28.49 -24.71 -6.06
C VAL A 406 29.69 -24.52 -6.98
N ASN A 407 29.45 -24.60 -8.29
CA ASN A 407 30.44 -24.52 -9.37
C ASN A 407 30.32 -23.19 -10.05
N SER A 408 31.20 -22.25 -9.68
CA SER A 408 31.25 -20.90 -10.24
C SER A 408 31.60 -20.95 -11.72
N TRP A 409 32.33 -22.01 -12.15
CA TRP A 409 32.73 -22.21 -13.53
C TRP A 409 31.55 -22.34 -14.45
N LEU A 410 30.50 -23.04 -13.99
CA LEU A 410 29.26 -23.29 -14.73
C LEU A 410 28.45 -21.99 -14.87
N GLY A 411 28.34 -21.24 -13.78
CA GLY A 411 27.64 -19.95 -13.76
C GLY A 411 28.32 -18.95 -14.65
N ASN A 412 29.68 -18.92 -14.62
CA ASN A 412 30.49 -18.08 -15.49
C ASN A 412 30.38 -18.45 -16.98
N ILE A 413 30.28 -19.74 -17.33
CA ILE A 413 30.09 -20.18 -18.72
C ILE A 413 28.70 -19.65 -19.16
N ILE A 414 27.66 -19.86 -18.33
CA ILE A 414 26.32 -19.38 -18.64
C ILE A 414 26.29 -17.85 -18.83
N MET A 415 26.83 -17.08 -17.88
CA MET A 415 26.72 -15.61 -17.90
C MET A 415 27.66 -14.93 -18.86
N TYR A 416 28.86 -15.49 -19.03
CA TYR A 416 29.87 -14.90 -19.87
C TYR A 416 30.16 -15.72 -21.11
N ALA A 417 29.16 -16.47 -21.58
CA ALA A 417 29.23 -17.31 -22.79
C ALA A 417 29.82 -16.60 -24.01
N PRO A 418 29.51 -15.28 -24.31
CA PRO A 418 30.11 -14.65 -25.50
C PRO A 418 31.59 -14.28 -25.37
N THR A 419 32.15 -14.27 -24.14
CA THR A 419 33.54 -13.89 -23.87
C THR A 419 34.59 -14.86 -24.41
N LEU A 420 35.77 -14.32 -24.77
CA LEU A 420 36.92 -15.07 -25.28
C LEU A 420 37.43 -16.07 -24.24
N TRP A 421 37.55 -15.65 -22.97
CA TRP A 421 38.05 -16.48 -21.88
C TRP A 421 37.10 -17.64 -21.50
N ALA A 422 35.75 -17.44 -21.45
CA ALA A 422 34.82 -18.52 -21.12
C ALA A 422 34.74 -19.56 -22.23
N ARG A 423 34.83 -19.10 -23.50
CA ARG A 423 34.77 -19.97 -24.66
C ARG A 423 36.02 -20.83 -24.81
N MET A 424 37.18 -20.18 -24.78
CA MET A 424 38.44 -20.86 -25.01
C MET A 424 38.99 -21.59 -23.80
N ILE A 425 38.80 -21.07 -22.57
CA ILE A 425 39.40 -21.71 -21.39
C ILE A 425 38.37 -22.48 -20.57
N LEU A 426 37.33 -21.83 -20.05
CA LEU A 426 36.36 -22.53 -19.19
C LEU A 426 35.63 -23.69 -19.87
N MET A 427 35.17 -23.50 -21.12
CA MET A 427 34.46 -24.54 -21.87
C MET A 427 35.38 -25.70 -22.23
N THR A 428 36.58 -25.40 -22.81
CA THR A 428 37.55 -26.43 -23.19
C THR A 428 37.96 -27.26 -21.99
N HIS A 429 38.36 -26.60 -20.91
CA HIS A 429 38.84 -27.27 -19.69
C HIS A 429 37.81 -28.17 -19.03
N PHE A 430 36.61 -27.68 -18.82
CA PHE A 430 35.58 -28.43 -18.12
C PHE A 430 34.94 -29.49 -18.96
N PHE A 431 34.87 -29.29 -20.28
CA PHE A 431 34.32 -30.32 -21.13
C PHE A 431 35.31 -31.47 -21.27
N SER A 432 36.64 -31.18 -21.15
CA SER A 432 37.66 -32.23 -21.19
C SER A 432 37.58 -33.09 -19.93
N ILE A 433 37.30 -32.46 -18.77
CA ILE A 433 37.14 -33.16 -17.49
C ILE A 433 35.87 -34.01 -17.51
N LEU A 434 34.73 -33.42 -17.93
CA LEU A 434 33.44 -34.11 -18.02
C LEU A 434 33.48 -35.31 -18.94
N LEU A 435 34.27 -35.22 -20.04
CA LEU A 435 34.47 -36.33 -21.01
C LEU A 435 35.26 -37.45 -20.36
N ALA A 436 36.28 -37.08 -19.56
CA ALA A 436 37.14 -38.03 -18.85
C ALA A 436 36.36 -38.75 -17.74
N GLN A 437 35.61 -38.01 -16.91
CA GLN A 437 34.84 -38.58 -15.82
C GLN A 437 33.53 -39.21 -16.30
N GLU A 438 33.17 -39.01 -17.60
CA GLU A 438 31.91 -39.47 -18.23
C GLU A 438 30.71 -38.95 -17.40
N GLN A 439 30.73 -37.63 -17.12
CA GLN A 439 29.74 -36.98 -16.28
C GLN A 439 28.99 -35.80 -16.97
N LEU A 440 28.93 -35.80 -18.32
CA LEU A 440 28.27 -34.77 -19.12
C LEU A 440 26.78 -34.56 -18.77
N GLU A 441 26.08 -35.65 -18.48
CA GLU A 441 24.65 -35.70 -18.15
C GLU A 441 24.34 -35.38 -16.67
N LYS A 442 25.34 -35.45 -15.79
CA LYS A 442 25.19 -35.20 -14.36
C LYS A 442 24.93 -33.69 -14.10
N ALA A 443 23.79 -33.41 -13.45
CA ALA A 443 23.34 -32.07 -13.09
C ALA A 443 24.24 -31.51 -12.01
N LEU A 444 24.59 -30.24 -12.15
CA LEU A 444 25.46 -29.54 -11.23
C LEU A 444 24.80 -28.25 -10.77
N ASP A 445 25.12 -27.84 -9.53
CA ASP A 445 24.61 -26.62 -8.95
C ASP A 445 25.46 -25.42 -9.29
N CYS A 446 24.81 -24.33 -9.70
CA CYS A 446 25.44 -23.04 -9.98
C CYS A 446 24.56 -21.92 -9.48
N GLN A 447 25.13 -20.73 -9.26
CA GLN A 447 24.40 -19.55 -8.78
C GLN A 447 24.19 -18.57 -9.92
N ILE A 448 22.94 -18.08 -10.05
CA ILE A 448 22.52 -17.05 -11.01
C ILE A 448 21.66 -16.06 -10.23
N TYR A 449 22.17 -14.83 -10.06
CA TYR A 449 21.55 -13.74 -9.31
C TYR A 449 21.20 -14.18 -7.85
N GLY A 450 22.11 -14.91 -7.22
CA GLY A 450 21.97 -15.40 -5.86
C GLY A 450 21.16 -16.67 -5.68
N ALA A 451 20.32 -17.03 -6.66
CA ALA A 451 19.50 -18.26 -6.65
C ALA A 451 20.29 -19.45 -7.15
N CYS A 452 20.03 -20.65 -6.60
CA CYS A 452 20.72 -21.88 -6.99
C CYS A 452 19.98 -22.62 -8.09
N TYR A 453 20.71 -23.00 -9.14
CA TYR A 453 20.18 -23.72 -10.30
C TYR A 453 20.89 -25.04 -10.55
N SER A 454 20.15 -26.14 -10.63
CA SER A 454 20.68 -27.48 -10.92
C SER A 454 20.57 -27.63 -12.42
N ILE A 455 21.72 -27.64 -13.10
CA ILE A 455 21.82 -27.66 -14.56
C ILE A 455 22.74 -28.78 -15.07
N GLU A 456 22.34 -29.42 -16.15
CA GLU A 456 23.18 -30.42 -16.81
C GLU A 456 24.07 -29.70 -17.82
N PRO A 457 25.38 -29.98 -17.83
CA PRO A 457 26.26 -29.33 -18.84
C PRO A 457 25.82 -29.58 -20.29
N LEU A 458 25.13 -30.72 -20.57
CA LEU A 458 24.60 -31.04 -21.91
C LEU A 458 23.57 -30.01 -22.42
N ASP A 459 22.94 -29.27 -21.51
CA ASP A 459 21.93 -28.24 -21.85
C ASP A 459 22.52 -26.89 -22.18
N LEU A 460 23.84 -26.69 -21.93
CA LEU A 460 24.54 -25.42 -22.16
C LEU A 460 24.35 -24.81 -23.55
N PRO A 461 24.41 -25.53 -24.71
CA PRO A 461 24.14 -24.86 -26.00
C PRO A 461 22.76 -24.17 -26.04
N GLN A 462 21.73 -24.86 -25.55
CA GLN A 462 20.36 -24.35 -25.52
C GLN A 462 20.23 -23.15 -24.58
N ILE A 463 20.79 -23.23 -23.34
CA ILE A 463 20.80 -22.15 -22.36
C ILE A 463 21.45 -20.91 -23.00
N ILE A 464 22.63 -21.08 -23.64
CA ILE A 464 23.39 -20.00 -24.26
C ILE A 464 22.60 -19.36 -25.41
N GLN A 465 22.01 -20.16 -26.32
CA GLN A 465 21.19 -19.64 -27.42
C GLN A 465 20.05 -18.75 -26.89
N ARG A 466 19.31 -19.22 -25.86
CA ARG A 466 18.22 -18.48 -25.21
C ARG A 466 18.65 -17.18 -24.54
N LEU A 467 19.79 -17.17 -23.83
CA LEU A 467 20.22 -15.97 -23.10
C LEU A 467 21.01 -14.97 -23.94
N HIS A 468 21.85 -15.46 -24.85
CA HIS A 468 22.77 -14.61 -25.60
C HIS A 468 22.53 -14.53 -27.09
N GLY A 469 21.78 -15.49 -27.62
CA GLY A 469 21.53 -15.59 -29.04
C GLY A 469 22.51 -16.53 -29.73
N LEU A 470 22.14 -17.02 -30.91
CA LEU A 470 22.92 -17.94 -31.74
C LEU A 470 24.28 -17.35 -32.13
N SER A 471 24.40 -16.00 -32.15
CA SER A 471 25.63 -15.25 -32.44
C SER A 471 26.76 -15.51 -31.41
N ALA A 472 26.39 -15.87 -30.15
CA ALA A 472 27.34 -16.17 -29.06
C ALA A 472 28.32 -17.29 -29.43
N PHE A 473 27.95 -18.10 -30.42
CA PHE A 473 28.74 -19.22 -30.90
C PHE A 473 29.57 -18.85 -32.14
N SER A 474 29.42 -17.60 -32.67
CA SER A 474 30.07 -17.15 -33.90
C SER A 474 30.91 -15.92 -33.75
N LEU A 475 30.94 -15.36 -32.52
CA LEU A 475 31.64 -14.12 -32.22
C LEU A 475 33.11 -14.17 -32.52
N HIS A 476 33.63 -13.05 -33.04
CA HIS A 476 35.05 -12.87 -33.40
C HIS A 476 35.29 -11.38 -33.39
N SER A 477 36.48 -10.91 -33.87
CA SER A 477 36.91 -9.50 -33.88
C SER A 477 36.82 -8.89 -32.48
N TYR A 478 37.35 -9.61 -31.50
CA TYR A 478 37.43 -9.15 -30.12
C TYR A 478 38.38 -7.96 -30.13
N SER A 479 38.19 -7.04 -29.21
CA SER A 479 38.96 -5.81 -29.11
C SER A 479 40.39 -6.08 -28.65
N PRO A 480 41.41 -5.26 -29.06
CA PRO A 480 42.78 -5.47 -28.56
C PRO A 480 42.90 -5.44 -27.03
N GLY A 481 42.14 -4.56 -26.38
CA GLY A 481 42.12 -4.41 -24.94
C GLY A 481 41.66 -5.67 -24.23
N GLU A 482 40.53 -6.27 -24.71
CA GLU A 482 39.95 -7.51 -24.20
C GLU A 482 40.91 -8.68 -24.42
N ILE A 483 41.50 -8.78 -25.64
CA ILE A 483 42.46 -9.85 -25.95
C ILE A 483 43.69 -9.78 -25.00
N ASN A 484 44.26 -8.58 -24.84
CA ASN A 484 45.43 -8.36 -23.98
C ASN A 484 45.15 -8.65 -22.50
N ARG A 485 43.95 -8.30 -22.00
CA ARG A 485 43.56 -8.56 -20.62
C ARG A 485 43.54 -10.09 -20.35
N VAL A 486 43.00 -10.86 -21.29
CA VAL A 486 42.91 -12.32 -21.25
C VAL A 486 44.30 -12.93 -21.33
N ALA A 487 45.10 -12.57 -22.36
CA ALA A 487 46.46 -13.05 -22.57
C ALA A 487 47.38 -12.75 -21.36
N SER A 488 47.30 -11.52 -20.80
CA SER A 488 48.07 -11.14 -19.61
C SER A 488 47.70 -11.97 -18.38
N CYS A 489 46.41 -12.19 -18.20
CA CYS A 489 45.85 -12.96 -17.10
C CYS A 489 46.32 -14.42 -17.12
N LEU A 490 46.42 -15.03 -18.32
CA LEU A 490 46.85 -16.42 -18.48
C LEU A 490 48.31 -16.55 -18.10
N ARG A 491 49.15 -15.57 -18.51
CA ARG A 491 50.57 -15.52 -18.20
C ARG A 491 50.76 -15.43 -16.68
N LYS A 492 50.08 -14.47 -16.07
CA LYS A 492 50.10 -14.18 -14.64
C LYS A 492 49.73 -15.41 -13.77
N LEU A 493 48.78 -16.22 -14.24
CA LEU A 493 48.28 -17.37 -13.51
C LEU A 493 48.94 -18.70 -13.88
N GLY A 494 49.84 -18.69 -14.85
CA GLY A 494 50.56 -19.88 -15.27
C GLY A 494 49.71 -20.83 -16.09
N VAL A 495 48.66 -20.26 -16.74
CA VAL A 495 47.73 -21.01 -17.58
C VAL A 495 48.34 -21.07 -18.98
N PRO A 496 48.29 -22.25 -19.69
CA PRO A 496 48.83 -22.29 -21.06
C PRO A 496 48.23 -21.22 -21.97
N PRO A 497 48.99 -20.77 -23.01
CA PRO A 497 48.45 -19.70 -23.89
C PRO A 497 47.24 -20.12 -24.77
N LEU A 498 46.56 -19.15 -25.39
CA LEU A 498 45.35 -19.36 -26.21
C LEU A 498 45.50 -20.38 -27.34
N ARG A 499 46.68 -20.47 -27.98
CA ARG A 499 46.99 -21.44 -29.05
C ARG A 499 46.88 -22.92 -28.59
N VAL A 500 47.22 -23.21 -27.31
CA VAL A 500 47.18 -24.54 -26.68
C VAL A 500 45.71 -24.92 -26.51
N TRP A 501 44.89 -23.93 -26.12
CA TRP A 501 43.45 -24.08 -25.90
C TRP A 501 42.73 -24.42 -27.18
N ARG A 502 43.11 -23.75 -28.33
CA ARG A 502 42.49 -24.08 -29.62
C ARG A 502 42.76 -25.53 -30.02
N HIS A 503 43.99 -25.99 -29.74
CA HIS A 503 44.42 -27.35 -30.03
C HIS A 503 43.63 -28.35 -29.17
N ARG A 504 43.47 -28.07 -27.86
CA ARG A 504 42.68 -28.89 -26.92
C ARG A 504 41.22 -28.94 -27.29
N ALA A 505 40.63 -27.79 -27.71
CA ALA A 505 39.22 -27.70 -28.10
C ALA A 505 38.85 -28.57 -29.30
N ARG A 506 39.79 -28.75 -30.24
CA ARG A 506 39.61 -29.57 -31.43
C ARG A 506 39.41 -31.03 -31.09
N SER A 507 40.18 -31.55 -30.10
CA SER A 507 40.06 -32.94 -29.65
C SER A 507 38.77 -33.09 -28.87
N VAL A 508 38.46 -32.13 -27.97
CA VAL A 508 37.27 -32.10 -27.12
C VAL A 508 36.05 -32.13 -28.02
N ARG A 509 36.01 -31.24 -29.04
CA ARG A 509 34.97 -31.11 -30.05
C ARG A 509 34.79 -32.42 -30.82
N ALA A 510 35.89 -33.02 -31.33
CA ALA A 510 35.85 -34.29 -32.08
C ALA A 510 35.18 -35.39 -31.24
N ARG A 511 35.61 -35.57 -29.98
CA ARG A 511 35.03 -36.57 -29.07
C ARG A 511 33.54 -36.32 -28.78
N LEU A 512 33.17 -35.05 -28.57
CA LEU A 512 31.77 -34.71 -28.32
C LEU A 512 30.93 -34.99 -29.55
N LEU A 513 31.40 -34.62 -30.77
CA LEU A 513 30.69 -34.85 -32.03
C LEU A 513 30.37 -36.33 -32.29
N SER A 514 31.32 -37.22 -31.94
CA SER A 514 31.19 -38.67 -32.11
C SER A 514 30.11 -39.28 -31.23
N GLN A 515 29.66 -38.55 -30.18
CA GLN A 515 28.68 -39.06 -29.20
C GLN A 515 27.22 -38.84 -29.57
N GLY A 516 26.96 -37.94 -30.51
CA GLY A 516 25.59 -37.64 -30.92
C GLY A 516 24.77 -36.93 -29.84
N GLY A 517 23.51 -36.65 -30.17
CA GLY A 517 22.57 -36.01 -29.27
C GLY A 517 23.03 -34.64 -28.80
N ARG A 518 22.73 -34.31 -27.53
CA ARG A 518 23.10 -33.04 -26.90
C ARG A 518 24.61 -32.89 -26.81
N ALA A 519 25.35 -34.01 -26.65
CA ALA A 519 26.81 -34.04 -26.59
C ALA A 519 27.44 -33.51 -27.87
N ALA A 520 26.93 -33.92 -29.06
CA ALA A 520 27.42 -33.42 -30.36
C ALA A 520 27.06 -31.96 -30.53
N THR A 521 25.90 -31.55 -30.00
CA THR A 521 25.44 -30.16 -30.03
C THR A 521 26.46 -29.29 -29.26
N CYS A 522 26.96 -29.78 -28.11
CA CYS A 522 28.00 -29.13 -27.32
C CYS A 522 29.24 -28.96 -28.20
N GLY A 523 29.66 -30.04 -28.88
CA GLY A 523 30.81 -30.02 -29.79
C GLY A 523 30.69 -29.00 -30.91
N LYS A 524 29.62 -29.12 -31.69
CA LYS A 524 29.32 -28.29 -32.85
C LYS A 524 29.18 -26.82 -32.53
N TYR A 525 28.38 -26.49 -31.50
CA TYR A 525 28.05 -25.11 -31.11
C TYR A 525 29.08 -24.44 -30.20
N LEU A 526 29.44 -25.08 -29.08
CA LEU A 526 30.38 -24.48 -28.13
C LEU A 526 31.79 -24.32 -28.66
N PHE A 527 32.21 -25.22 -29.58
CA PHE A 527 33.58 -25.23 -30.08
C PHE A 527 33.71 -24.93 -31.58
N ASN A 528 32.72 -24.23 -32.16
CA ASN A 528 32.79 -23.81 -33.57
C ASN A 528 33.94 -22.82 -33.82
N TRP A 529 34.39 -22.11 -32.75
CA TRP A 529 35.50 -21.15 -32.81
C TRP A 529 36.83 -21.80 -33.08
N ALA A 530 36.98 -23.08 -32.67
CA ALA A 530 38.20 -23.87 -32.77
C ALA A 530 38.51 -24.45 -34.16
N VAL A 531 37.48 -24.70 -34.99
CA VAL A 531 37.70 -25.27 -36.33
C VAL A 531 38.25 -24.26 -37.35
N ARG A 532 39.01 -24.74 -38.35
CA ARG A 532 39.63 -23.91 -39.37
C ARG A 532 38.65 -23.17 -40.29
N THR A 533 37.61 -23.89 -40.74
CA THR A 533 36.63 -23.48 -41.75
C THR A 533 35.33 -22.87 -41.23
N LYS A 534 34.86 -23.26 -40.00
CA LYS A 534 33.64 -22.74 -39.33
C LYS A 534 32.31 -23.11 -40.03
N LEU A 535 31.42 -23.81 -39.27
CA LEU A 535 30.12 -24.29 -39.75
C LEU A 535 29.05 -23.20 -39.73
N LYS A 536 27.94 -23.43 -40.50
CA LYS A 536 26.79 -22.55 -40.64
C LYS A 536 26.09 -22.25 -39.31
N LEU A 537 25.71 -23.28 -38.54
CA LEU A 537 25.04 -23.18 -37.24
C LEU A 537 23.62 -22.60 -37.37
N THR A 538 22.65 -23.52 -37.38
CA THR A 538 21.21 -23.25 -37.46
C THR A 538 20.66 -23.30 -36.03
N PRO A 539 19.55 -22.60 -35.69
CA PRO A 539 19.06 -22.65 -34.29
C PRO A 539 18.73 -24.06 -33.80
N ILE A 540 19.08 -24.36 -32.53
CA ILE A 540 18.79 -25.65 -31.89
C ILE A 540 17.25 -25.72 -31.65
N PRO A 541 16.53 -26.65 -32.33
CA PRO A 541 15.07 -26.67 -32.19
C PRO A 541 14.53 -26.96 -30.79
N ALA A 542 15.27 -27.72 -29.95
CA ALA A 542 14.83 -28.05 -28.59
C ALA A 542 15.10 -26.94 -27.55
N ALA A 543 15.78 -25.85 -27.93
CA ALA A 543 16.08 -24.73 -27.05
C ALA A 543 14.82 -24.06 -26.49
N SER A 544 13.77 -23.90 -27.32
CA SER A 544 12.48 -23.28 -26.97
C SER A 544 11.71 -24.02 -25.86
N GLN A 545 11.92 -25.33 -25.73
CA GLN A 545 11.28 -26.17 -24.71
C GLN A 545 11.74 -25.86 -23.28
N LEU A 546 12.98 -25.35 -23.11
CA LEU A 546 13.57 -25.02 -21.81
C LEU A 546 12.74 -24.00 -21.04
N ASP A 547 12.34 -24.34 -19.81
CA ASP A 547 11.58 -23.42 -18.97
C ASP A 547 12.53 -22.50 -18.21
N LEU A 548 12.63 -21.27 -18.70
CA LEU A 548 13.51 -20.23 -18.16
C LEU A 548 12.70 -19.04 -17.60
N SER A 549 11.40 -19.28 -17.32
CA SER A 549 10.46 -18.31 -16.78
C SER A 549 10.88 -17.63 -15.47
N SER A 550 11.65 -18.33 -14.60
CA SER A 550 12.11 -17.80 -13.31
C SER A 550 13.56 -17.29 -13.29
N TRP A 551 14.25 -17.31 -14.44
CA TRP A 551 15.67 -17.02 -14.53
C TRP A 551 16.11 -15.57 -14.35
N PHE A 552 15.54 -14.65 -15.11
CA PHE A 552 15.98 -13.27 -14.94
C PHE A 552 14.80 -12.42 -14.57
N VAL A 553 14.25 -12.74 -13.38
CA VAL A 553 13.10 -12.11 -12.78
C VAL A 553 13.60 -11.24 -11.63
N ALA A 554 14.22 -11.88 -10.62
CA ALA A 554 14.72 -11.18 -9.43
C ALA A 554 16.05 -11.69 -8.94
N GLY A 555 16.65 -10.93 -8.03
CA GLY A 555 17.86 -11.27 -7.31
C GLY A 555 17.46 -11.90 -5.99
N TYR A 556 18.27 -12.85 -5.52
CA TYR A 556 17.94 -13.60 -4.30
C TYR A 556 19.16 -13.90 -3.48
N SER A 557 20.23 -13.06 -3.58
CA SER A 557 21.46 -13.28 -2.79
C SER A 557 21.12 -13.31 -1.31
N GLY A 558 21.48 -14.44 -0.68
CA GLY A 558 21.19 -14.71 0.72
C GLY A 558 19.82 -15.29 0.99
N GLY A 559 18.96 -15.24 -0.04
CA GLY A 559 17.59 -15.70 -0.02
C GLY A 559 17.36 -17.18 0.18
N ASP A 560 18.40 -18.04 -0.09
CA ASP A 560 18.34 -19.51 0.05
C ASP A 560 17.24 -20.09 -0.91
N ILE A 561 17.36 -19.76 -2.22
CA ILE A 561 16.39 -20.12 -3.27
C ILE A 561 16.98 -21.17 -4.19
N TYR A 562 16.17 -22.20 -4.55
CA TYR A 562 16.61 -23.28 -5.43
C TYR A 562 15.60 -23.59 -6.51
N HIS A 563 16.09 -23.90 -7.70
CA HIS A 563 15.31 -24.29 -8.86
C HIS A 563 16.05 -25.34 -9.69
N SER A 564 15.34 -26.38 -10.14
CA SER A 564 15.88 -27.41 -11.02
C SER A 564 15.45 -27.04 -12.45
N LEU A 565 16.34 -27.20 -13.44
CA LEU A 565 15.99 -26.83 -14.82
C LEU A 565 15.06 -27.84 -15.46
N SER A 566 13.88 -27.36 -15.91
CA SER A 566 12.84 -28.17 -16.54
C SER A 566 12.62 -27.87 -18.03
N ARG A 567 12.25 -28.94 -18.77
CA ARG A 567 11.97 -28.93 -20.21
C ARG A 567 10.46 -29.20 -20.45
N ALA A 568 9.72 -28.18 -20.87
CA ALA A 568 8.29 -28.27 -21.18
C ALA A 568 8.03 -28.64 -22.65
N ARG A 569 7.18 -29.66 -22.89
CA ARG A 569 6.74 -30.18 -24.20
C ARG A 569 7.89 -30.78 -25.07
N PRO A 570 8.56 -31.90 -24.67
CA PRO A 570 9.63 -32.45 -25.51
C PRO A 570 9.12 -33.26 -26.71
N ARG A 571 9.84 -33.18 -27.86
CA ARG A 571 9.52 -33.93 -29.08
C ARG A 571 10.33 -35.23 -29.10
N TRP A 572 9.74 -36.34 -29.57
CA TRP A 572 10.37 -37.66 -29.57
C TRP A 572 11.75 -37.72 -30.26
N PHE A 573 11.96 -36.91 -31.30
CA PHE A 573 13.17 -36.90 -32.12
C PHE A 573 14.26 -35.94 -31.64
N MET A 574 13.87 -34.91 -30.86
CA MET A 574 14.76 -33.91 -30.28
C MET A 574 15.25 -34.45 -28.90
N SER B 2 -20.49 -15.59 2.62
CA SER B 2 -20.75 -15.77 4.03
C SER B 2 -22.02 -15.08 4.44
N MET B 3 -22.60 -15.49 5.60
CA MET B 3 -23.79 -14.85 6.16
C MET B 3 -23.35 -13.54 6.80
N SER B 4 -24.14 -12.48 6.57
CA SER B 4 -23.88 -11.15 7.11
C SER B 4 -23.91 -11.20 8.65
N TYR B 5 -24.86 -12.00 9.18
CA TYR B 5 -25.05 -12.22 10.59
C TYR B 5 -25.55 -13.61 10.88
N THR B 6 -25.07 -14.21 11.98
CA THR B 6 -25.58 -15.45 12.56
C THR B 6 -26.10 -15.03 13.93
N TRP B 7 -27.20 -15.65 14.35
CA TRP B 7 -27.84 -15.31 15.62
C TRP B 7 -27.94 -16.53 16.51
N THR B 8 -27.82 -16.33 17.83
CA THR B 8 -27.92 -17.41 18.81
C THR B 8 -29.37 -17.68 19.19
N GLY B 9 -30.17 -16.62 19.23
CA GLY B 9 -31.57 -16.69 19.61
C GLY B 9 -31.89 -15.78 20.77
N ALA B 10 -30.84 -15.28 21.46
CA ALA B 10 -30.96 -14.32 22.55
C ALA B 10 -31.49 -13.03 21.89
N LEU B 11 -32.45 -12.37 22.54
CA LEU B 11 -33.07 -11.17 21.97
C LEU B 11 -32.15 -9.96 21.99
N ILE B 12 -32.45 -8.98 21.12
CA ILE B 12 -31.79 -7.68 21.12
C ILE B 12 -32.63 -6.94 22.18
N THR B 13 -32.10 -6.92 23.40
CA THR B 13 -32.78 -6.39 24.58
C THR B 13 -32.73 -4.84 24.67
N PRO B 14 -33.74 -4.21 25.32
CA PRO B 14 -33.76 -2.74 25.43
C PRO B 14 -32.61 -2.10 26.22
N CYS B 15 -32.39 -0.80 25.99
CA CYS B 15 -31.40 0.06 26.63
C CYS B 15 -32.09 0.91 27.70
N VAL B 38 -47.13 10.01 13.86
CA VAL B 38 -45.74 10.26 14.22
C VAL B 38 -45.29 9.29 15.35
N TYR B 39 -44.41 8.33 14.99
CA TYR B 39 -43.91 7.29 15.89
C TYR B 39 -42.39 7.30 16.13
N ALA B 40 -41.96 6.70 17.25
CA ALA B 40 -40.58 6.45 17.61
C ALA B 40 -40.35 4.93 17.42
N THR B 41 -39.13 4.52 17.07
CA THR B 41 -38.88 3.10 16.86
C THR B 41 -38.22 2.49 18.12
N THR B 42 -38.56 1.23 18.46
CA THR B 42 -38.05 0.52 19.65
C THR B 42 -37.41 -0.85 19.35
N SER B 43 -36.84 -1.53 20.38
CA SER B 43 -36.25 -2.88 20.30
C SER B 43 -37.27 -3.97 19.92
N ARG B 44 -38.59 -3.68 20.11
CA ARG B 44 -39.72 -4.56 19.80
C ARG B 44 -39.82 -4.90 18.29
N SER B 45 -39.23 -4.04 17.43
CA SER B 45 -39.19 -4.20 15.98
C SER B 45 -37.83 -4.74 15.46
N ALA B 46 -36.83 -4.93 16.37
CA ALA B 46 -35.48 -5.44 16.05
C ALA B 46 -35.45 -6.73 15.26
N SER B 47 -36.39 -7.65 15.54
CA SER B 47 -36.55 -8.94 14.83
C SER B 47 -36.84 -8.74 13.34
N LEU B 48 -37.64 -7.71 12.99
CA LEU B 48 -38.00 -7.40 11.61
C LEU B 48 -36.78 -6.89 10.85
N ARG B 49 -35.93 -6.10 11.54
CA ARG B 49 -34.67 -5.57 11.01
C ARG B 49 -33.65 -6.69 10.83
N GLN B 50 -33.50 -7.57 11.86
CA GLN B 50 -32.60 -8.72 11.82
C GLN B 50 -32.81 -9.55 10.54
N LYS B 51 -34.07 -9.85 10.20
CA LYS B 51 -34.43 -10.59 8.98
C LYS B 51 -33.93 -9.90 7.71
N LYS B 52 -34.12 -8.57 7.61
CA LYS B 52 -33.71 -7.78 6.44
C LYS B 52 -32.18 -7.68 6.27
N VAL B 53 -31.43 -7.57 7.37
CA VAL B 53 -29.97 -7.40 7.34
C VAL B 53 -29.17 -8.72 7.36
N THR B 54 -29.89 -9.86 7.46
CA THR B 54 -29.29 -11.18 7.48
C THR B 54 -29.50 -11.85 6.13
N PHE B 55 -28.39 -12.06 5.40
CA PHE B 55 -28.38 -12.72 4.10
C PHE B 55 -26.99 -13.13 3.73
N ASP B 56 -26.86 -14.01 2.74
CA ASP B 56 -25.58 -14.44 2.20
C ASP B 56 -25.14 -13.40 1.14
N ARG B 57 -23.84 -13.12 1.10
CA ARG B 57 -23.23 -12.24 0.12
C ARG B 57 -22.49 -13.11 -0.89
N LEU B 58 -22.67 -12.81 -2.18
CA LEU B 58 -21.98 -13.46 -3.31
C LEU B 58 -21.32 -12.31 -4.06
N GLN B 59 -20.03 -12.16 -3.83
CA GLN B 59 -19.23 -11.09 -4.41
C GLN B 59 -18.31 -11.67 -5.49
N VAL B 60 -18.35 -11.06 -6.69
CA VAL B 60 -17.54 -11.47 -7.84
C VAL B 60 -16.82 -10.21 -8.30
N LEU B 61 -15.49 -10.20 -8.18
CA LEU B 61 -14.67 -9.08 -8.58
C LEU B 61 -14.13 -9.24 -9.99
N ASP B 62 -13.78 -8.13 -10.66
CA ASP B 62 -13.30 -8.15 -12.02
C ASP B 62 -12.13 -7.19 -12.24
N ASP B 63 -11.66 -7.07 -13.48
CA ASP B 63 -10.53 -6.21 -13.84
C ASP B 63 -10.78 -4.74 -13.56
N HIS B 64 -12.01 -4.25 -13.75
CA HIS B 64 -12.40 -2.85 -13.52
C HIS B 64 -12.20 -2.48 -12.07
N TYR B 65 -12.68 -3.36 -11.15
CA TYR B 65 -12.58 -3.24 -9.70
C TYR B 65 -11.11 -3.17 -9.29
N ARG B 66 -10.29 -4.13 -9.75
CA ARG B 66 -8.86 -4.19 -9.42
C ARG B 66 -8.12 -2.97 -9.93
N ASP B 67 -8.47 -2.46 -11.13
CA ASP B 67 -7.87 -1.25 -11.71
C ASP B 67 -8.15 -0.04 -10.85
N VAL B 68 -9.43 0.18 -10.49
CA VAL B 68 -9.85 1.32 -9.68
C VAL B 68 -9.14 1.27 -8.32
N LEU B 69 -9.12 0.08 -7.67
CA LEU B 69 -8.44 -0.14 -6.41
C LEU B 69 -6.96 0.27 -6.47
N LYS B 70 -6.22 -0.18 -7.50
CA LYS B 70 -4.81 0.19 -7.70
C LYS B 70 -4.66 1.69 -7.85
N GLU B 71 -5.59 2.35 -8.58
CA GLU B 71 -5.60 3.82 -8.75
C GLU B 71 -5.82 4.55 -7.41
N MET B 72 -6.73 4.03 -6.56
CA MET B 72 -7.04 4.56 -5.21
C MET B 72 -5.84 4.41 -4.26
N LYS B 73 -5.15 3.25 -4.32
CA LYS B 73 -3.98 2.92 -3.52
C LYS B 73 -2.78 3.83 -3.86
N ALA B 74 -2.62 4.19 -5.13
CA ALA B 74 -1.54 5.08 -5.60
C ALA B 74 -1.71 6.47 -5.04
N LYS B 75 -2.97 6.87 -4.79
CA LYS B 75 -3.34 8.18 -4.22
C LYS B 75 -3.17 8.16 -2.69
N ALA B 76 -3.50 7.02 -2.04
CA ALA B 76 -3.34 6.79 -0.59
C ALA B 76 -1.85 6.81 -0.20
N SER B 77 -0.96 6.34 -1.11
CA SER B 77 0.50 6.30 -1.00
C SER B 77 1.12 7.66 -0.64
N THR B 78 0.41 8.78 -0.97
CA THR B 78 0.89 10.16 -0.75
C THR B 78 0.65 10.60 0.69
N VAL B 79 -0.17 9.86 1.45
CA VAL B 79 -0.61 10.21 2.81
C VAL B 79 0.39 9.79 3.90
N LYS B 80 0.63 10.72 4.84
CA LYS B 80 1.44 10.53 6.03
C LYS B 80 0.47 10.76 7.19
N ALA B 81 0.20 9.71 7.97
CA ALA B 81 -0.73 9.80 9.10
C ALA B 81 0.01 9.75 10.42
N LYS B 82 -0.50 10.54 11.38
CA LYS B 82 0.07 10.63 12.70
C LYS B 82 -0.77 9.85 13.71
N LEU B 83 -0.08 9.30 14.69
CA LEU B 83 -0.64 8.56 15.79
C LEU B 83 -1.08 9.61 16.82
N LEU B 84 -2.33 9.55 17.26
CA LEU B 84 -2.82 10.48 18.26
C LEU B 84 -2.39 10.01 19.63
N SER B 85 -2.14 10.94 20.56
CA SER B 85 -1.80 10.62 21.94
C SER B 85 -3.10 10.25 22.66
N VAL B 86 -2.97 9.64 23.86
CA VAL B 86 -4.12 9.31 24.71
C VAL B 86 -4.95 10.57 24.95
N GLU B 87 -4.32 11.66 25.40
CA GLU B 87 -5.00 12.92 25.68
C GLU B 87 -5.76 13.49 24.47
N GLU B 88 -5.13 13.47 23.27
CA GLU B 88 -5.76 13.98 22.03
C GLU B 88 -7.00 13.17 21.67
N ALA B 89 -6.92 11.82 21.84
CA ALA B 89 -8.03 10.91 21.57
C ALA B 89 -9.15 11.07 22.62
N CYS B 90 -8.76 11.26 23.89
CA CYS B 90 -9.68 11.49 25.01
C CYS B 90 -10.52 12.73 24.78
N LYS B 91 -9.91 13.79 24.23
CA LYS B 91 -10.57 15.06 23.94
C LYS B 91 -11.64 14.94 22.84
N LEU B 92 -11.52 13.92 21.96
CA LEU B 92 -12.50 13.73 20.88
C LEU B 92 -13.74 12.97 21.34
N THR B 93 -13.71 12.43 22.57
CA THR B 93 -14.80 11.65 23.16
C THR B 93 -16.01 12.52 23.54
N PRO B 94 -17.23 12.19 23.03
CA PRO B 94 -18.44 12.92 23.47
C PRO B 94 -18.71 12.81 24.98
N PRO B 95 -19.11 13.90 25.67
CA PRO B 95 -19.42 13.80 27.12
C PRO B 95 -20.45 12.73 27.49
N HIS B 96 -21.39 12.41 26.59
CA HIS B 96 -22.43 11.41 26.86
C HIS B 96 -22.18 10.06 26.18
N SER B 97 -20.92 9.80 25.77
CA SER B 97 -20.48 8.56 25.12
C SER B 97 -20.70 7.41 26.09
N ALA B 98 -21.20 6.26 25.58
CA ALA B 98 -21.47 5.04 26.36
C ALA B 98 -20.28 4.68 27.26
N ARG B 99 -20.55 4.47 28.57
CA ARG B 99 -19.50 4.14 29.51
C ARG B 99 -18.89 2.76 29.28
N SER B 100 -17.69 2.57 29.80
CA SER B 100 -16.97 1.31 29.70
C SER B 100 -17.54 0.30 30.69
N LYS B 101 -17.41 -0.99 30.38
CA LYS B 101 -17.79 -2.03 31.31
C LYS B 101 -16.65 -2.25 32.32
N PHE B 102 -15.54 -1.49 32.19
CA PHE B 102 -14.37 -1.63 33.05
C PHE B 102 -14.23 -0.49 34.08
N GLY B 103 -15.37 -0.02 34.58
CA GLY B 103 -15.49 0.94 35.68
C GLY B 103 -15.15 2.40 35.49
N TYR B 104 -15.39 2.95 34.30
CA TYR B 104 -15.14 4.37 34.01
C TYR B 104 -16.03 4.80 32.85
N GLY B 105 -16.28 6.11 32.78
CA GLY B 105 -17.17 6.68 31.78
C GLY B 105 -16.54 7.77 30.97
N ALA B 106 -17.35 8.36 30.08
CA ALA B 106 -16.94 9.44 29.19
C ALA B 106 -16.36 10.66 29.91
N LYS B 107 -16.88 11.02 31.12
CA LYS B 107 -16.36 12.14 31.92
C LYS B 107 -14.95 11.85 32.43
N ASP B 108 -14.70 10.61 32.91
CA ASP B 108 -13.38 10.19 33.40
C ASP B 108 -12.33 10.21 32.26
N VAL B 109 -12.76 9.85 31.02
CA VAL B 109 -11.92 9.86 29.82
C VAL B 109 -11.54 11.29 29.50
N ARG B 110 -12.53 12.19 29.40
CA ARG B 110 -12.34 13.62 29.10
C ARG B 110 -11.49 14.37 30.15
N ASN B 111 -11.52 13.94 31.42
CA ASN B 111 -10.73 14.57 32.50
C ASN B 111 -9.35 13.94 32.66
N LEU B 112 -9.07 12.91 31.85
CA LEU B 112 -7.82 12.12 31.85
C LEU B 112 -7.63 11.43 33.20
N SER B 113 -8.71 10.87 33.74
CA SER B 113 -8.66 10.17 35.03
C SER B 113 -7.67 9.02 34.97
N SER B 114 -7.04 8.72 36.10
CA SER B 114 -6.04 7.66 36.23
C SER B 114 -6.58 6.27 35.79
N LYS B 115 -7.80 5.93 36.21
CA LYS B 115 -8.41 4.65 35.86
C LYS B 115 -8.68 4.56 34.36
N ALA B 116 -9.25 5.64 33.76
CA ALA B 116 -9.59 5.71 32.35
C ALA B 116 -8.36 5.56 31.50
N VAL B 117 -7.34 6.37 31.79
CA VAL B 117 -6.07 6.38 31.05
C VAL B 117 -5.35 5.03 31.15
N ASN B 118 -5.28 4.43 32.36
CA ASN B 118 -4.65 3.13 32.58
C ASN B 118 -5.27 2.04 31.75
N HIS B 119 -6.63 1.96 31.75
CA HIS B 119 -7.33 0.95 30.98
CA HIS B 119 -7.37 0.97 30.99
C HIS B 119 -7.15 1.16 29.48
N ILE B 120 -7.16 2.41 29.04
CA ILE B 120 -6.93 2.76 27.63
C ILE B 120 -5.53 2.29 27.19
N ARG B 121 -4.52 2.47 28.06
CA ARG B 121 -3.15 2.06 27.77
C ARG B 121 -3.00 0.54 27.70
N SER B 122 -3.78 -0.20 28.53
CA SER B 122 -3.76 -1.65 28.53
C SER B 122 -4.48 -2.23 27.29
N VAL B 123 -5.53 -1.52 26.80
CA VAL B 123 -6.26 -1.90 25.59
C VAL B 123 -5.33 -1.71 24.39
N TRP B 124 -4.62 -0.56 24.35
CA TRP B 124 -3.65 -0.25 23.30
C TRP B 124 -2.55 -1.33 23.21
N LYS B 125 -1.92 -1.66 24.35
CA LYS B 125 -0.87 -2.68 24.46
C LYS B 125 -1.40 -4.05 23.97
N ASP B 126 -2.65 -4.40 24.33
CA ASP B 126 -3.29 -5.64 23.90
C ASP B 126 -3.51 -5.69 22.36
N LEU B 127 -3.75 -4.53 21.72
CA LEU B 127 -3.90 -4.44 20.29
C LEU B 127 -2.56 -4.71 19.65
N LEU B 128 -1.47 -4.27 20.29
CA LEU B 128 -0.13 -4.48 19.74
C LEU B 128 0.37 -5.90 19.96
N GLU B 129 -0.08 -6.57 21.03
CA GLU B 129 0.40 -7.91 21.37
C GLU B 129 -0.51 -9.03 20.88
N ASP B 130 -1.83 -8.77 20.78
CA ASP B 130 -2.79 -9.76 20.27
C ASP B 130 -3.29 -9.28 18.90
N THR B 131 -3.10 -10.15 17.88
CA THR B 131 -3.41 -9.85 16.47
C THR B 131 -4.64 -10.58 15.94
N GLU B 132 -5.21 -11.52 16.74
CA GLU B 132 -6.28 -12.38 16.26
C GLU B 132 -7.57 -12.42 17.04
N THR B 133 -7.51 -12.43 18.39
CA THR B 133 -8.71 -12.63 19.20
C THR B 133 -9.81 -11.62 18.91
N PRO B 134 -11.00 -12.04 18.41
CA PRO B 134 -12.09 -11.06 18.19
C PRO B 134 -12.44 -10.25 19.43
N ILE B 135 -12.68 -8.95 19.21
CA ILE B 135 -13.05 -8.00 20.24
C ILE B 135 -14.58 -8.03 20.39
N ASP B 136 -15.06 -7.86 21.63
CA ASP B 136 -16.47 -7.87 21.94
C ASP B 136 -17.18 -6.60 21.48
N THR B 137 -18.44 -6.76 21.02
CA THR B 137 -19.26 -5.62 20.62
C THR B 137 -20.63 -5.72 21.27
N THR B 138 -21.32 -4.56 21.40
CA THR B 138 -22.69 -4.51 21.88
C THR B 138 -23.59 -4.28 20.68
N ILE B 139 -24.72 -4.99 20.60
CA ILE B 139 -25.77 -4.77 19.58
C ILE B 139 -27.01 -4.14 20.29
N MET B 140 -27.62 -3.13 19.69
CA MET B 140 -28.77 -2.43 20.25
C MET B 140 -29.63 -1.82 19.19
N ALA B 141 -30.93 -1.69 19.47
CA ALA B 141 -31.86 -1.03 18.54
C ALA B 141 -31.75 0.45 18.75
N LYS B 142 -31.68 1.19 17.65
CA LYS B 142 -31.64 2.65 17.63
C LYS B 142 -33.10 3.11 17.70
N ASN B 143 -33.35 4.18 18.47
CA ASN B 143 -34.67 4.78 18.60
C ASN B 143 -34.72 6.07 17.75
N GLU B 144 -35.45 6.03 16.62
CA GLU B 144 -35.59 7.18 15.73
C GLU B 144 -37.06 7.55 15.55
N VAL B 145 -37.34 8.86 15.28
CA VAL B 145 -38.68 9.38 15.05
C VAL B 145 -38.94 9.47 13.53
N PHE B 146 -40.07 8.94 13.10
CA PHE B 146 -40.53 8.94 11.70
C PHE B 146 -42.00 9.31 11.69
N CYS B 147 -42.47 9.85 10.57
CA CYS B 147 -43.85 10.24 10.46
C CYS B 147 -44.75 9.10 10.05
N VAL B 148 -45.86 8.90 10.80
CA VAL B 148 -46.85 7.86 10.55
C VAL B 148 -47.61 8.14 9.24
N GLN B 149 -47.13 7.54 8.14
CA GLN B 149 -47.73 7.67 6.81
C GLN B 149 -48.45 6.36 6.38
N PRO B 150 -49.81 6.26 6.52
CA PRO B 150 -50.49 5.00 6.15
C PRO B 150 -50.69 4.79 4.64
N GLU B 151 -50.41 5.84 3.83
CA GLU B 151 -50.50 5.82 2.36
C GLU B 151 -49.38 4.98 1.72
N LYS B 152 -48.14 5.09 2.25
CA LYS B 152 -46.96 4.34 1.78
C LYS B 152 -46.61 3.13 2.68
N GLY B 153 -47.63 2.31 2.96
CA GLY B 153 -47.50 1.11 3.78
C GLY B 153 -47.63 1.34 5.27
N GLY B 154 -46.59 0.94 6.01
CA GLY B 154 -46.54 1.04 7.47
C GLY B 154 -45.21 1.43 8.07
N ARG B 155 -45.12 1.29 9.42
CA ARG B 155 -43.97 1.65 10.27
C ARG B 155 -42.64 0.99 9.87
N LYS B 156 -41.53 1.69 10.14
CA LYS B 156 -40.19 1.21 9.85
C LYS B 156 -39.63 0.45 11.07
N PRO B 157 -38.99 -0.73 10.87
CA PRO B 157 -38.35 -1.40 12.02
C PRO B 157 -37.11 -0.59 12.45
N ALA B 158 -36.80 -0.61 13.76
CA ALA B 158 -35.65 0.10 14.31
C ALA B 158 -34.36 -0.37 13.66
N ARG B 159 -33.43 0.55 13.47
CA ARG B 159 -32.12 0.26 12.89
C ARG B 159 -31.26 -0.33 14.01
N LEU B 160 -30.26 -1.16 13.68
CA LEU B 160 -29.40 -1.74 14.70
C LEU B 160 -28.05 -0.99 14.75
N ILE B 161 -27.50 -0.83 15.96
CA ILE B 161 -26.20 -0.21 16.17
C ILE B 161 -25.26 -1.25 16.83
N VAL B 162 -24.07 -1.44 16.24
CA VAL B 162 -23.06 -2.38 16.73
C VAL B 162 -21.80 -1.58 17.12
N PHE B 163 -21.41 -1.62 18.41
CA PHE B 163 -20.25 -0.82 18.82
C PHE B 163 -19.32 -1.49 19.82
N PRO B 164 -17.98 -1.20 19.80
CA PRO B 164 -17.08 -1.75 20.84
C PRO B 164 -17.11 -0.92 22.14
N ASP B 165 -16.37 -1.36 23.17
CA ASP B 165 -16.27 -0.68 24.45
C ASP B 165 -15.51 0.66 24.33
N LEU B 166 -15.85 1.63 25.22
CA LEU B 166 -15.27 2.97 25.29
C LEU B 166 -13.74 2.99 25.15
N GLY B 167 -13.06 2.04 25.79
CA GLY B 167 -11.61 1.91 25.74
C GLY B 167 -11.10 1.56 24.36
N VAL B 168 -11.83 0.69 23.63
CA VAL B 168 -11.50 0.29 22.26
C VAL B 168 -11.74 1.50 21.32
N ARG B 169 -12.82 2.25 21.58
CA ARG B 169 -13.20 3.46 20.87
C ARG B 169 -12.14 4.57 20.96
N VAL B 170 -11.46 4.70 22.12
CA VAL B 170 -10.37 5.69 22.32
C VAL B 170 -9.14 5.25 21.52
N CYS B 171 -8.81 3.95 21.54
CA CYS B 171 -7.69 3.35 20.77
C CYS B 171 -7.85 3.50 19.27
N GLU B 172 -9.10 3.37 18.78
CA GLU B 172 -9.45 3.54 17.37
C GLU B 172 -9.04 4.94 16.92
N LYS B 173 -9.31 5.98 17.75
CA LYS B 173 -8.96 7.38 17.46
C LYS B 173 -7.44 7.57 17.39
N MET B 174 -6.70 6.98 18.35
CA MET B 174 -5.24 7.04 18.40
C MET B 174 -4.62 6.51 17.11
N ALA B 175 -5.13 5.37 16.64
CA ALA B 175 -4.62 4.71 15.46
C ALA B 175 -5.09 5.30 14.13
N LEU B 176 -6.39 5.64 14.05
CA LEU B 176 -7.04 6.00 12.80
C LEU B 176 -7.73 7.37 12.70
N TYR B 177 -7.75 8.21 13.74
CA TYR B 177 -8.41 9.52 13.59
C TYR B 177 -7.80 10.34 12.44
N ASP B 178 -6.45 10.43 12.35
CA ASP B 178 -5.77 11.16 11.29
C ASP B 178 -5.98 10.51 9.93
N VAL B 179 -6.00 9.14 9.86
CA VAL B 179 -6.24 8.40 8.62
C VAL B 179 -7.60 8.77 8.04
N VAL B 180 -8.68 8.55 8.80
CA VAL B 180 -10.09 8.76 8.40
C VAL B 180 -10.45 10.24 8.16
N SER B 181 -9.59 11.17 8.58
CA SER B 181 -9.79 12.60 8.41
C SER B 181 -9.10 13.13 7.14
N THR B 182 -7.99 12.50 6.72
CA THR B 182 -7.10 12.92 5.64
C THR B 182 -7.18 12.05 4.38
N LEU B 183 -7.21 10.73 4.54
CA LEU B 183 -7.17 9.74 3.45
C LEU B 183 -8.36 9.83 2.47
N PRO B 184 -9.67 9.87 2.88
CA PRO B 184 -10.75 9.93 1.89
C PRO B 184 -10.61 11.04 0.85
N GLN B 185 -10.20 12.23 1.28
CA GLN B 185 -9.96 13.37 0.41
C GLN B 185 -8.77 13.10 -0.54
N ALA B 186 -7.63 12.65 -0.02
CA ALA B 186 -6.45 12.35 -0.84
C ALA B 186 -6.71 11.30 -1.92
N VAL B 187 -7.57 10.32 -1.63
CA VAL B 187 -7.92 9.20 -2.50
C VAL B 187 -9.02 9.56 -3.52
N MET B 188 -10.14 10.17 -3.05
CA MET B 188 -11.32 10.44 -3.87
C MET B 188 -11.43 11.87 -4.40
N GLY B 189 -10.59 12.77 -3.89
CA GLY B 189 -10.56 14.17 -4.30
C GLY B 189 -11.91 14.86 -4.16
N SER B 190 -12.35 15.54 -5.25
CA SER B 190 -13.63 16.28 -5.29
C SER B 190 -14.88 15.38 -5.11
N SER B 191 -14.71 14.06 -5.29
CA SER B 191 -15.81 13.09 -5.17
C SER B 191 -16.22 12.84 -3.73
N TYR B 192 -15.31 13.11 -2.77
CA TYR B 192 -15.54 12.95 -1.35
C TYR B 192 -16.52 14.02 -0.86
N GLY B 193 -17.75 13.59 -0.54
CA GLY B 193 -18.83 14.48 -0.18
C GLY B 193 -18.70 15.23 1.11
N PHE B 194 -18.05 14.65 2.11
CA PHE B 194 -17.98 15.24 3.44
C PHE B 194 -17.03 16.42 3.55
N GLN B 195 -16.29 16.76 2.48
CA GLN B 195 -15.37 17.91 2.50
C GLN B 195 -16.14 19.21 2.21
N TYR B 196 -17.43 19.09 1.90
CA TYR B 196 -18.29 20.18 1.49
C TYR B 196 -19.26 20.71 2.52
N SER B 197 -19.36 22.04 2.58
CA SER B 197 -20.39 22.71 3.38
C SER B 197 -21.67 22.57 2.51
N PRO B 198 -22.91 22.76 3.02
CA PRO B 198 -24.07 22.70 2.12
C PRO B 198 -23.94 23.57 0.83
N GLY B 199 -23.42 24.79 0.98
CA GLY B 199 -23.18 25.72 -0.13
C GLY B 199 -22.19 25.21 -1.16
N GLN B 200 -21.09 24.59 -0.70
CA GLN B 200 -20.06 24.02 -1.58
C GLN B 200 -20.58 22.77 -2.31
N ARG B 201 -21.48 21.99 -1.67
CA ARG B 201 -22.07 20.79 -2.26
C ARG B 201 -22.93 21.23 -3.45
N VAL B 202 -23.79 22.23 -3.22
CA VAL B 202 -24.66 22.84 -4.23
C VAL B 202 -23.81 23.27 -5.43
N GLU B 203 -22.75 24.05 -5.15
CA GLU B 203 -21.78 24.59 -6.10
C GLU B 203 -21.17 23.46 -6.95
N PHE B 204 -20.70 22.38 -6.30
CA PHE B 204 -20.10 21.22 -6.96
C PHE B 204 -21.06 20.61 -7.99
N LEU B 205 -22.30 20.35 -7.59
CA LEU B 205 -23.34 19.74 -8.43
C LEU B 205 -23.79 20.61 -9.61
N VAL B 206 -23.99 21.90 -9.37
CA VAL B 206 -24.40 22.87 -10.39
C VAL B 206 -23.27 22.98 -11.41
N ASN B 207 -22.01 23.14 -10.95
CA ASN B 207 -20.85 23.22 -11.83
C ASN B 207 -20.64 21.94 -12.66
N ALA B 208 -20.87 20.76 -12.06
CA ALA B 208 -20.70 19.47 -12.73
C ALA B 208 -21.78 19.25 -13.78
N TRP B 209 -23.01 19.69 -13.49
CA TRP B 209 -24.16 19.59 -14.39
C TRP B 209 -23.94 20.50 -15.61
N LYS B 210 -23.48 21.74 -15.38
CA LYS B 210 -23.20 22.75 -16.40
C LYS B 210 -22.02 22.37 -17.28
N ALA B 211 -21.06 21.60 -16.75
CA ALA B 211 -19.86 21.12 -17.45
C ALA B 211 -20.15 20.14 -18.59
N LYS B 212 -21.32 19.46 -18.54
CA LYS B 212 -21.71 18.50 -19.57
C LYS B 212 -22.46 19.21 -20.69
N LYS B 213 -22.29 18.72 -21.94
CA LYS B 213 -22.95 19.22 -23.15
C LYS B 213 -24.43 18.89 -22.99
N CYS B 214 -24.74 17.59 -22.80
CA CYS B 214 -26.06 17.06 -22.55
C CYS B 214 -26.02 16.22 -21.24
N PRO B 215 -26.25 16.87 -20.07
CA PRO B 215 -26.14 16.13 -18.80
C PRO B 215 -27.25 15.15 -18.49
N MET B 216 -26.84 14.05 -17.83
CA MET B 216 -27.70 13.02 -17.25
C MET B 216 -27.13 12.69 -15.85
N GLY B 217 -28.00 12.50 -14.90
CA GLY B 217 -27.59 12.16 -13.54
C GLY B 217 -28.54 11.21 -12.88
N PHE B 218 -28.05 10.52 -11.86
CA PHE B 218 -28.83 9.54 -11.10
C PHE B 218 -28.27 9.33 -9.71
N ALA B 219 -29.14 8.91 -8.82
CA ALA B 219 -28.81 8.53 -7.46
C ALA B 219 -28.85 7.03 -7.40
N TYR B 220 -27.93 6.43 -6.66
CA TYR B 220 -27.91 4.98 -6.48
C TYR B 220 -27.93 4.66 -4.99
N ASP B 221 -28.98 3.96 -4.58
CA ASP B 221 -29.21 3.59 -3.19
C ASP B 221 -29.03 2.08 -3.04
N THR B 222 -28.09 1.67 -2.18
CA THR B 222 -27.83 0.26 -1.91
C THR B 222 -28.77 -0.21 -0.77
N ARG B 223 -29.35 -1.41 -0.93
CA ARG B 223 -30.20 -2.05 0.07
C ARG B 223 -29.26 -2.57 1.22
N CYS B 224 -29.45 -2.08 2.48
CA CYS B 224 -28.68 -2.45 3.69
C CYS B 224 -27.19 -2.45 3.41
N PHE B 225 -26.61 -1.28 3.11
CA PHE B 225 -25.22 -1.17 2.72
C PHE B 225 -24.27 -1.85 3.69
N ASP B 226 -24.40 -1.59 5.01
CA ASP B 226 -23.54 -2.21 6.02
C ASP B 226 -23.51 -3.73 5.90
N SER B 227 -24.67 -4.35 5.66
CA SER B 227 -24.80 -5.79 5.46
C SER B 227 -24.13 -6.32 4.19
N THR B 228 -24.10 -5.50 3.11
CA THR B 228 -23.49 -5.88 1.83
C THR B 228 -21.97 -5.86 1.89
N VAL B 229 -21.40 -5.24 2.94
CA VAL B 229 -19.95 -5.13 3.13
C VAL B 229 -19.36 -6.48 3.59
N THR B 230 -18.61 -7.10 2.69
CA THR B 230 -17.98 -8.39 2.94
C THR B 230 -16.68 -8.20 3.73
N GLU B 231 -16.15 -9.29 4.25
CA GLU B 231 -14.88 -9.24 4.97
C GLU B 231 -13.74 -8.82 4.02
N ASN B 232 -13.84 -9.16 2.73
CA ASN B 232 -12.85 -8.77 1.73
C ASN B 232 -12.88 -7.28 1.50
N ASP B 233 -14.09 -6.67 1.48
CA ASP B 233 -14.27 -5.23 1.33
C ASP B 233 -13.52 -4.53 2.45
N ILE B 234 -13.63 -5.06 3.69
CA ILE B 234 -12.97 -4.55 4.88
C ILE B 234 -11.43 -4.76 4.82
N ARG B 235 -10.94 -5.87 4.22
CA ARG B 235 -9.50 -6.15 4.04
C ARG B 235 -8.88 -5.26 2.94
N VAL B 236 -9.65 -4.99 1.86
CA VAL B 236 -9.30 -4.09 0.75
C VAL B 236 -9.20 -2.64 1.28
N GLU B 237 -10.08 -2.28 2.20
CA GLU B 237 -10.14 -0.98 2.87
C GLU B 237 -8.87 -0.79 3.72
N GLU B 238 -8.45 -1.86 4.43
CA GLU B 238 -7.20 -1.84 5.19
C GLU B 238 -6.01 -1.72 4.23
N SER B 239 -6.06 -2.39 3.06
CA SER B 239 -4.96 -2.31 2.09
C SER B 239 -4.73 -0.85 1.64
N ILE B 240 -5.80 -0.04 1.66
CA ILE B 240 -5.74 1.39 1.34
C ILE B 240 -5.07 2.13 2.51
N TYR B 241 -5.49 1.83 3.77
CA TYR B 241 -4.92 2.45 4.99
C TYR B 241 -3.41 2.16 5.10
N GLN B 242 -3.01 0.92 4.81
CA GLN B 242 -1.64 0.43 4.85
C GLN B 242 -0.69 1.12 3.84
N CYS B 243 -1.24 1.90 2.90
CA CYS B 243 -0.47 2.67 1.91
C CYS B 243 0.04 3.97 2.53
N CYS B 244 -0.51 4.38 3.68
CA CYS B 244 -0.07 5.58 4.42
C CYS B 244 1.30 5.33 5.02
N ASP B 245 2.03 6.41 5.29
CA ASP B 245 3.25 6.35 6.05
C ASP B 245 2.68 6.31 7.47
N LEU B 246 2.99 5.24 8.20
CA LEU B 246 2.44 5.00 9.53
C LEU B 246 3.52 4.63 10.50
N ALA B 247 3.33 4.99 11.77
CA ALA B 247 4.22 4.66 12.89
C ALA B 247 4.06 3.13 13.08
N PRO B 248 5.13 2.38 13.39
CA PRO B 248 4.98 0.91 13.56
C PRO B 248 3.79 0.44 14.40
N GLU B 249 3.49 1.15 15.51
CA GLU B 249 2.37 0.85 16.42
C GLU B 249 1.02 1.17 15.79
N ALA B 250 0.94 2.24 14.97
CA ALA B 250 -0.28 2.60 14.24
C ALA B 250 -0.57 1.50 13.20
N ARG B 251 0.49 1.03 12.52
CA ARG B 251 0.43 -0.02 11.53
C ARG B 251 -0.12 -1.34 12.14
N GLN B 252 0.40 -1.73 13.32
CA GLN B 252 -0.04 -2.93 14.04
C GLN B 252 -1.47 -2.76 14.55
N ALA B 253 -1.79 -1.57 15.13
CA ALA B 253 -3.14 -1.32 15.62
C ALA B 253 -4.19 -1.41 14.51
N ILE B 254 -3.89 -0.90 13.28
CA ILE B 254 -4.80 -0.99 12.14
C ILE B 254 -5.00 -2.44 11.72
N ARG B 255 -3.90 -3.23 11.69
CA ARG B 255 -3.90 -4.65 11.34
C ARG B 255 -4.73 -5.44 12.35
N SER B 256 -4.47 -5.24 13.65
CA SER B 256 -5.17 -5.88 14.76
C SER B 256 -6.63 -5.48 14.82
N LEU B 257 -6.96 -4.18 14.68
CA LEU B 257 -8.35 -3.71 14.66
C LEU B 257 -9.16 -4.25 13.50
N THR B 258 -8.51 -4.44 12.31
CA THR B 258 -9.18 -5.00 11.12
C THR B 258 -9.59 -6.44 11.41
N GLU B 259 -8.62 -7.28 11.82
CA GLU B 259 -8.82 -8.70 12.13
C GLU B 259 -9.75 -8.99 13.29
N ARG B 260 -9.59 -8.25 14.38
CA ARG B 260 -10.31 -8.48 15.62
C ARG B 260 -11.64 -7.74 15.74
N LEU B 261 -11.80 -6.64 14.99
CA LEU B 261 -12.99 -5.84 15.12
C LEU B 261 -13.72 -5.51 13.82
N TYR B 262 -13.01 -4.89 12.86
CA TYR B 262 -13.67 -4.40 11.65
C TYR B 262 -14.23 -5.47 10.76
N ILE B 263 -13.50 -6.62 10.54
CA ILE B 263 -14.03 -7.66 9.62
C ILE B 263 -15.30 -8.36 10.16
N GLY B 264 -15.44 -8.36 11.46
CA GLY B 264 -16.51 -9.05 12.13
C GLY B 264 -16.11 -9.37 13.55
N GLY B 265 -16.90 -10.21 14.20
CA GLY B 265 -16.69 -10.54 15.59
C GLY B 265 -17.99 -10.77 16.31
N PRO B 266 -17.91 -11.14 17.60
CA PRO B 266 -19.14 -11.44 18.35
C PRO B 266 -19.99 -10.23 18.71
N LEU B 267 -21.30 -10.45 18.90
CA LEU B 267 -22.31 -9.48 19.31
C LEU B 267 -22.85 -9.93 20.66
N THR B 268 -22.99 -8.99 21.58
CA THR B 268 -23.53 -9.18 22.92
C THR B 268 -24.69 -8.21 23.05
N ASN B 269 -25.80 -8.66 23.64
CA ASN B 269 -26.94 -7.76 23.86
C ASN B 269 -26.70 -6.83 25.08
N SER B 270 -27.66 -5.92 25.38
CA SER B 270 -27.56 -4.96 26.51
C SER B 270 -27.45 -5.65 27.89
N LYS B 271 -27.98 -6.89 27.99
CA LYS B 271 -27.95 -7.72 29.19
C LYS B 271 -26.66 -8.60 29.34
N GLY B 272 -25.77 -8.55 28.36
CA GLY B 272 -24.52 -9.30 28.42
C GLY B 272 -24.59 -10.73 27.88
N GLN B 273 -25.67 -11.08 27.17
CA GLN B 273 -25.82 -12.42 26.60
C GLN B 273 -25.24 -12.49 25.17
N ASN B 274 -24.66 -13.64 24.81
CA ASN B 274 -24.12 -13.90 23.49
C ASN B 274 -25.29 -13.88 22.50
N CYS B 275 -25.27 -12.88 21.64
CA CYS B 275 -26.34 -12.58 20.71
C CYS B 275 -26.17 -13.16 19.32
N GLY B 276 -25.01 -12.95 18.73
CA GLY B 276 -24.71 -13.38 17.37
C GLY B 276 -23.26 -13.09 16.95
N TYR B 277 -22.99 -13.30 15.65
CA TYR B 277 -21.68 -13.11 15.04
C TYR B 277 -21.79 -12.27 13.76
N ARG B 278 -20.97 -11.24 13.67
CA ARG B 278 -20.99 -10.32 12.53
C ARG B 278 -19.84 -10.60 11.56
N ARG B 279 -20.17 -10.62 10.26
CA ARG B 279 -19.19 -10.79 9.18
C ARG B 279 -19.42 -9.67 8.16
N CYS B 280 -19.79 -8.48 8.65
CA CYS B 280 -20.06 -7.31 7.83
C CYS B 280 -19.66 -6.04 8.56
N ARG B 281 -20.03 -4.85 8.01
CA ARG B 281 -19.72 -3.56 8.62
C ARG B 281 -20.51 -3.34 9.92
N ALA B 282 -19.80 -2.94 10.99
CA ALA B 282 -20.36 -2.50 12.27
C ALA B 282 -20.60 -1.00 12.08
N SER B 283 -21.80 -0.56 12.38
CA SER B 283 -22.22 0.83 12.22
C SER B 283 -21.57 1.80 13.20
N GLY B 284 -21.13 1.29 14.36
CA GLY B 284 -20.58 2.10 15.43
C GLY B 284 -19.09 2.00 15.66
N VAL B 285 -18.29 2.02 14.57
CA VAL B 285 -16.81 2.02 14.67
C VAL B 285 -16.31 3.27 13.97
N LEU B 286 -15.09 3.73 14.30
CA LEU B 286 -14.53 4.96 13.74
C LEU B 286 -14.44 4.92 12.21
N THR B 287 -14.11 3.76 11.63
CA THR B 287 -13.93 3.57 10.18
C THR B 287 -15.22 3.38 9.39
N THR B 288 -16.41 3.41 10.03
CA THR B 288 -17.69 3.20 9.32
C THR B 288 -17.87 4.16 8.14
N SER B 289 -17.80 5.47 8.38
CA SER B 289 -18.00 6.48 7.35
C SER B 289 -16.93 6.40 6.26
N CYS B 290 -15.64 6.43 6.65
CA CYS B 290 -14.50 6.34 5.75
C CYS B 290 -14.58 5.06 4.90
N GLY B 291 -14.73 3.91 5.56
CA GLY B 291 -14.84 2.60 4.94
C GLY B 291 -15.99 2.53 3.95
N ASN B 292 -17.20 2.99 4.36
CA ASN B 292 -18.36 2.99 3.47
C ASN B 292 -18.15 3.86 2.23
N THR B 293 -17.56 5.05 2.41
CA THR B 293 -17.28 6.00 1.33
C THR B 293 -16.27 5.40 0.35
N LEU B 294 -15.14 4.85 0.85
CA LEU B 294 -14.10 4.22 0.03
C LEU B 294 -14.66 3.03 -0.75
N THR B 295 -15.47 2.17 -0.07
CA THR B 295 -16.11 0.98 -0.62
C THR B 295 -17.15 1.34 -1.67
N CYS B 296 -18.03 2.31 -1.38
CA CYS B 296 -19.06 2.73 -2.32
C CYS B 296 -18.43 3.38 -3.55
N TYR B 297 -17.38 4.22 -3.37
CA TYR B 297 -16.65 4.86 -4.46
C TYR B 297 -15.98 3.82 -5.36
N LEU B 298 -15.26 2.86 -4.76
CA LEU B 298 -14.57 1.78 -5.45
C LEU B 298 -15.52 1.00 -6.34
N LYS B 299 -16.62 0.51 -5.76
CA LYS B 299 -17.59 -0.28 -6.48
C LYS B 299 -18.26 0.52 -7.59
N ALA B 300 -18.66 1.78 -7.30
CA ALA B 300 -19.31 2.67 -8.27
C ALA B 300 -18.40 3.10 -9.40
N ALA B 301 -17.15 3.45 -9.12
CA ALA B 301 -16.19 3.88 -10.15
C ALA B 301 -15.90 2.73 -11.13
N ALA B 302 -15.82 1.49 -10.61
CA ALA B 302 -15.61 0.25 -11.37
C ALA B 302 -16.85 -0.06 -12.20
N ALA B 303 -18.06 0.06 -11.59
CA ALA B 303 -19.34 -0.13 -12.27
C ALA B 303 -19.59 0.88 -13.40
N CYS B 304 -19.09 2.12 -13.25
CA CYS B 304 -19.17 3.18 -14.27
C CYS B 304 -18.45 2.76 -15.53
N ARG B 305 -17.33 2.02 -15.37
CA ARG B 305 -16.54 1.49 -16.48
C ARG B 305 -17.27 0.33 -17.15
N ALA B 306 -17.82 -0.61 -16.36
CA ALA B 306 -18.56 -1.76 -16.86
C ALA B 306 -19.72 -1.33 -17.75
N ALA B 307 -20.42 -0.25 -17.34
CA ALA B 307 -21.58 0.37 -17.98
C ALA B 307 -21.19 1.33 -19.10
N LYS B 308 -19.89 1.64 -19.22
CA LYS B 308 -19.32 2.57 -20.22
C LYS B 308 -20.04 3.94 -20.24
N LEU B 309 -20.22 4.51 -19.04
CA LEU B 309 -20.79 5.82 -18.81
C LEU B 309 -19.72 6.84 -19.16
N GLN B 310 -20.10 7.90 -19.89
CA GLN B 310 -19.13 8.88 -20.38
C GLN B 310 -19.04 10.11 -19.51
N ASP B 311 -17.78 10.55 -19.25
CA ASP B 311 -17.41 11.74 -18.48
C ASP B 311 -18.18 11.81 -17.14
N CYS B 312 -17.95 10.81 -16.29
CA CYS B 312 -18.58 10.67 -14.98
C CYS B 312 -18.02 11.61 -13.96
N THR B 313 -18.92 12.12 -13.12
CA THR B 313 -18.63 12.97 -11.97
C THR B 313 -19.46 12.37 -10.86
N MET B 314 -18.78 11.89 -9.81
CA MET B 314 -19.45 11.23 -8.69
C MET B 314 -19.34 12.05 -7.43
N LEU B 315 -20.38 11.99 -6.60
CA LEU B 315 -20.40 12.57 -5.27
C LEU B 315 -20.82 11.43 -4.36
N VAL B 316 -19.96 11.06 -3.40
CA VAL B 316 -20.17 9.92 -2.47
C VAL B 316 -20.12 10.38 -1.00
N CYS B 317 -21.14 10.02 -0.19
CA CYS B 317 -21.22 10.24 1.27
C CYS B 317 -21.62 8.89 1.85
N GLY B 318 -20.66 8.13 2.37
CA GLY B 318 -20.93 6.78 2.85
C GLY B 318 -21.52 5.96 1.72
N ASP B 319 -22.73 5.45 1.95
CA ASP B 319 -23.53 4.68 1.01
C ASP B 319 -24.32 5.55 0.01
N ASP B 320 -24.38 6.86 0.20
CA ASP B 320 -25.09 7.74 -0.75
C ASP B 320 -24.21 8.11 -1.90
N LEU B 321 -24.66 7.79 -3.10
CA LEU B 321 -23.95 8.06 -4.33
C LEU B 321 -24.83 8.80 -5.34
N VAL B 322 -24.22 9.77 -6.04
CA VAL B 322 -24.82 10.53 -7.15
C VAL B 322 -23.85 10.51 -8.31
N VAL B 323 -24.33 10.12 -9.51
CA VAL B 323 -23.48 10.13 -10.70
C VAL B 323 -24.04 11.15 -11.72
N ILE B 324 -23.20 12.08 -12.15
CA ILE B 324 -23.53 13.06 -13.17
C ILE B 324 -22.61 12.75 -14.35
N CYS B 325 -23.19 12.50 -15.51
CA CYS B 325 -22.41 12.15 -16.70
C CYS B 325 -22.99 12.79 -17.97
N GLU B 326 -22.34 12.50 -19.11
CA GLU B 326 -22.71 12.90 -20.45
C GLU B 326 -23.74 11.88 -20.98
N SER B 327 -24.93 12.34 -21.38
CA SER B 327 -25.98 11.48 -21.94
C SER B 327 -25.57 10.89 -23.29
N ALA B 328 -25.88 9.60 -23.51
CA ALA B 328 -25.55 8.86 -24.75
C ALA B 328 -26.82 8.62 -25.59
N GLY B 329 -27.93 9.21 -25.17
CA GLY B 329 -29.23 9.00 -25.77
C GLY B 329 -30.14 8.34 -24.77
N THR B 330 -31.45 8.58 -24.89
CA THR B 330 -32.49 8.08 -23.98
C THR B 330 -32.39 6.56 -23.73
N GLN B 331 -32.35 5.75 -24.80
CA GLN B 331 -32.35 4.29 -24.73
C GLN B 331 -31.04 3.78 -24.18
N GLU B 332 -29.92 4.38 -24.63
CA GLU B 332 -28.55 4.09 -24.21
C GLU B 332 -28.35 4.38 -22.72
N ASP B 333 -28.90 5.52 -22.21
CA ASP B 333 -28.83 5.92 -20.81
C ASP B 333 -29.53 4.88 -19.90
N GLU B 334 -30.72 4.38 -20.30
CA GLU B 334 -31.46 3.34 -19.56
C GLU B 334 -30.68 2.03 -19.55
N ALA B 335 -30.02 1.70 -20.68
CA ALA B 335 -29.20 0.50 -20.79
C ALA B 335 -27.94 0.61 -19.94
N SER B 336 -27.29 1.79 -19.91
CA SER B 336 -26.10 1.98 -19.08
C SER B 336 -26.40 1.91 -17.58
N LEU B 337 -27.59 2.33 -17.16
CA LEU B 337 -27.99 2.27 -15.75
C LEU B 337 -28.26 0.86 -15.27
N ARG B 338 -28.86 0.03 -16.13
CA ARG B 338 -29.10 -1.38 -15.83
C ARG B 338 -27.78 -2.14 -15.75
N ALA B 339 -26.81 -1.71 -16.56
CA ALA B 339 -25.46 -2.28 -16.65
C ALA B 339 -24.67 -1.91 -15.39
N PHE B 340 -24.75 -0.63 -14.97
CA PHE B 340 -24.14 -0.10 -13.74
C PHE B 340 -24.64 -0.93 -12.54
N THR B 341 -25.98 -1.12 -12.44
CA THR B 341 -26.70 -1.90 -11.42
C THR B 341 -26.29 -3.39 -11.44
N GLU B 342 -26.15 -3.99 -12.64
CA GLU B 342 -25.69 -5.37 -12.78
C GLU B 342 -24.28 -5.52 -12.18
N ALA B 343 -23.35 -4.55 -12.49
CA ALA B 343 -22.00 -4.56 -11.95
C ALA B 343 -21.97 -4.39 -10.41
N MET B 344 -22.66 -3.36 -9.84
CA MET B 344 -22.76 -3.11 -8.40
C MET B 344 -23.29 -4.35 -7.65
N THR B 345 -24.30 -5.02 -8.24
CA THR B 345 -24.91 -6.22 -7.68
C THR B 345 -23.86 -7.34 -7.57
N ARG B 346 -23.01 -7.53 -8.60
CA ARG B 346 -21.92 -8.52 -8.58
C ARG B 346 -20.94 -8.22 -7.46
N TYR B 347 -20.62 -6.92 -7.27
CA TYR B 347 -19.73 -6.44 -6.24
C TYR B 347 -20.35 -6.52 -4.84
N SER B 348 -21.62 -7.01 -4.73
CA SER B 348 -22.47 -7.11 -3.53
C SER B 348 -22.81 -5.71 -3.01
N ALA B 349 -23.60 -5.00 -3.82
CA ALA B 349 -24.12 -3.65 -3.54
C ALA B 349 -25.38 -3.51 -4.40
N PRO B 350 -26.40 -4.40 -4.19
CA PRO B 350 -27.62 -4.34 -5.01
C PRO B 350 -28.48 -3.16 -4.62
N PRO B 351 -29.35 -2.64 -5.49
CA PRO B 351 -30.13 -1.46 -5.09
C PRO B 351 -31.37 -1.76 -4.28
N GLY B 352 -31.80 -0.76 -3.52
CA GLY B 352 -33.06 -0.78 -2.81
C GLY B 352 -34.08 -0.51 -3.90
N ASP B 353 -34.12 0.76 -4.34
CA ASP B 353 -34.94 1.15 -5.49
C ASP B 353 -34.01 1.23 -6.70
N PRO B 354 -34.39 0.68 -7.87
CA PRO B 354 -33.47 0.75 -9.04
C PRO B 354 -33.28 2.21 -9.51
N PRO B 355 -32.07 2.58 -9.99
CA PRO B 355 -31.83 4.00 -10.34
C PRO B 355 -32.53 4.45 -11.61
N LYS B 356 -32.91 5.73 -11.67
CA LYS B 356 -33.58 6.23 -12.86
C LYS B 356 -32.80 7.40 -13.43
N PRO B 357 -32.63 7.51 -14.76
CA PRO B 357 -31.90 8.69 -15.29
C PRO B 357 -32.76 9.94 -15.21
N GLU B 358 -32.14 11.04 -14.83
CA GLU B 358 -32.80 12.34 -14.73
C GLU B 358 -32.08 13.30 -15.66
N TYR B 359 -32.84 14.26 -16.23
CA TYR B 359 -32.29 15.22 -17.17
C TYR B 359 -32.42 16.65 -16.69
N ASP B 360 -32.78 16.82 -15.41
CA ASP B 360 -32.84 18.09 -14.68
C ASP B 360 -32.14 17.86 -13.34
N LEU B 361 -31.26 18.78 -12.92
CA LEU B 361 -30.52 18.65 -11.66
C LEU B 361 -31.45 18.61 -10.44
N GLU B 362 -32.54 19.40 -10.50
CA GLU B 362 -33.56 19.50 -9.45
C GLU B 362 -34.29 18.18 -9.22
N LEU B 363 -34.29 17.30 -10.22
CA LEU B 363 -34.98 16.01 -10.18
C LEU B 363 -34.22 14.88 -9.47
N ILE B 364 -32.91 15.05 -9.20
CA ILE B 364 -32.09 14.05 -8.51
C ILE B 364 -32.26 14.21 -6.99
N THR B 365 -32.67 13.14 -6.30
CA THR B 365 -32.85 13.13 -4.84
C THR B 365 -31.76 12.29 -4.24
N SER B 366 -30.95 12.88 -3.39
CA SER B 366 -29.89 12.16 -2.72
C SER B 366 -29.78 12.64 -1.29
N CYS B 367 -29.76 11.68 -0.32
CA CYS B 367 -29.75 11.94 1.12
C CYS B 367 -31.04 12.70 1.45
N SER B 368 -32.17 12.28 0.80
CA SER B 368 -33.53 12.81 0.87
C SER B 368 -33.66 14.28 0.35
N SER B 369 -32.52 14.84 -0.16
CA SER B 369 -32.37 16.22 -0.61
C SER B 369 -32.34 16.45 -2.11
N ASN B 370 -32.69 17.66 -2.53
CA ASN B 370 -32.69 18.08 -3.94
C ASN B 370 -32.30 19.55 -4.08
N VAL B 371 -31.71 19.92 -5.22
CA VAL B 371 -31.35 21.30 -5.53
C VAL B 371 -32.65 22.04 -5.91
N SER B 372 -32.75 23.29 -5.46
CA SER B 372 -33.83 24.21 -5.78
C SER B 372 -33.23 25.59 -5.98
N VAL B 373 -34.02 26.52 -6.58
CA VAL B 373 -33.57 27.88 -6.83
C VAL B 373 -34.54 28.89 -6.17
N ALA B 374 -33.95 29.93 -5.57
CA ALA B 374 -34.66 31.07 -4.98
C ALA B 374 -33.94 32.33 -5.52
N HIS B 375 -34.22 33.51 -4.94
CA HIS B 375 -33.57 34.73 -5.38
C HIS B 375 -33.00 35.49 -4.22
N ASP B 376 -31.89 36.18 -4.41
CA ASP B 376 -31.27 36.94 -3.31
C ASP B 376 -31.81 38.40 -3.24
N ALA B 377 -31.19 39.27 -2.41
CA ALA B 377 -31.66 40.67 -2.26
C ALA B 377 -31.52 41.53 -3.54
N SER B 378 -30.79 41.07 -4.56
CA SER B 378 -30.67 41.82 -5.81
C SER B 378 -31.51 41.18 -6.93
N GLY B 379 -32.15 40.05 -6.64
CA GLY B 379 -32.99 39.36 -7.60
C GLY B 379 -32.29 38.30 -8.43
N LYS B 380 -31.00 38.03 -8.14
CA LYS B 380 -30.23 36.98 -8.81
C LYS B 380 -30.69 35.58 -8.36
N ARG B 381 -30.71 34.60 -9.29
CA ARG B 381 -31.07 33.21 -9.03
C ARG B 381 -29.99 32.59 -8.15
N VAL B 382 -30.42 31.94 -7.04
CA VAL B 382 -29.54 31.26 -6.08
C VAL B 382 -29.91 29.81 -5.99
N TYR B 383 -28.91 28.95 -5.99
CA TYR B 383 -29.14 27.52 -5.84
C TYR B 383 -28.89 27.09 -4.40
N TYR B 384 -29.76 26.24 -3.89
CA TYR B 384 -29.64 25.77 -2.51
C TYR B 384 -30.21 24.38 -2.41
N LEU B 385 -29.85 23.67 -1.35
CA LEU B 385 -30.28 22.31 -1.05
C LEU B 385 -31.46 22.33 -0.10
N THR B 386 -32.50 21.60 -0.47
CA THR B 386 -33.73 21.46 0.31
C THR B 386 -34.11 19.98 0.38
N ARG B 387 -35.19 19.66 1.08
CA ARG B 387 -35.73 18.31 1.18
C ARG B 387 -37.20 18.40 1.57
N ASP B 388 -37.94 17.28 1.51
CA ASP B 388 -39.32 17.25 1.97
C ASP B 388 -39.28 17.53 3.51
N PRO B 389 -40.12 18.46 4.02
CA PRO B 389 -40.01 18.83 5.44
C PRO B 389 -40.77 17.98 6.46
N THR B 390 -41.49 16.94 6.03
CA THR B 390 -42.28 16.07 6.91
C THR B 390 -41.47 15.50 8.08
N THR B 391 -40.37 14.77 7.80
CA THR B 391 -39.54 14.18 8.87
C THR B 391 -38.90 15.29 9.73
N PRO B 392 -38.22 16.33 9.17
CA PRO B 392 -37.71 17.40 10.04
C PRO B 392 -38.76 18.01 11.00
N LEU B 393 -39.98 18.29 10.52
CA LEU B 393 -41.05 18.88 11.32
C LEU B 393 -41.61 17.91 12.37
N ALA B 394 -41.81 16.61 12.00
CA ALA B 394 -42.31 15.56 12.92
C ALA B 394 -41.34 15.31 14.06
N ARG B 395 -40.02 15.29 13.76
CA ARG B 395 -38.95 15.12 14.76
C ARG B 395 -38.84 16.34 15.65
N ALA B 396 -39.04 17.54 15.08
CA ALA B 396 -39.02 18.80 15.82
C ALA B 396 -40.22 18.80 16.78
N ALA B 397 -41.44 18.36 16.33
CA ALA B 397 -42.65 18.28 17.15
C ALA B 397 -42.45 17.34 18.37
N TRP B 398 -41.74 16.19 18.15
CA TRP B 398 -41.37 15.23 19.18
C TRP B 398 -40.44 15.89 20.19
N GLU B 399 -39.41 16.62 19.70
CA GLU B 399 -38.40 17.35 20.48
C GLU B 399 -39.02 18.47 21.35
N THR B 400 -40.14 19.12 20.90
CA THR B 400 -40.78 20.15 21.73
C THR B 400 -41.63 19.47 22.81
N ALA B 401 -42.24 18.31 22.49
CA ALA B 401 -43.10 17.51 23.37
C ALA B 401 -42.36 16.95 24.59
N ARG B 402 -41.16 16.39 24.37
CA ARG B 402 -40.32 15.83 25.43
C ARG B 402 -38.84 16.20 25.27
N HIS B 403 -38.08 16.19 26.38
CA HIS B 403 -36.64 16.48 26.37
C HIS B 403 -35.88 15.38 25.60
N THR B 404 -34.93 15.80 24.73
CA THR B 404 -34.10 14.91 23.91
C THR B 404 -32.59 15.18 24.08
N PRO B 405 -31.72 14.17 23.97
CA PRO B 405 -30.26 14.42 24.10
C PRO B 405 -29.69 15.28 22.95
N VAL B 406 -29.96 14.86 21.69
CA VAL B 406 -29.56 15.57 20.47
C VAL B 406 -30.82 16.21 19.84
N ASN B 407 -30.64 17.44 19.34
CA ASN B 407 -31.69 18.27 18.79
C ASN B 407 -31.56 18.33 17.29
N SER B 408 -32.40 17.54 16.60
CA SER B 408 -32.43 17.47 15.14
C SER B 408 -32.85 18.81 14.55
N TRP B 409 -33.66 19.59 15.30
CA TRP B 409 -34.12 20.90 14.89
C TRP B 409 -32.98 21.87 14.66
N LEU B 410 -31.94 21.81 15.52
CA LEU B 410 -30.76 22.65 15.46
C LEU B 410 -29.89 22.27 14.25
N GLY B 411 -29.67 20.97 14.03
CA GLY B 411 -28.91 20.45 12.89
C GLY B 411 -29.60 20.80 11.59
N ASN B 412 -30.94 20.69 11.53
CA ASN B 412 -31.76 21.07 10.37
C ASN B 412 -31.74 22.58 10.09
N ILE B 413 -31.72 23.45 11.14
CA ILE B 413 -31.61 24.90 10.95
C ILE B 413 -30.23 25.17 10.33
N ILE B 414 -29.17 24.58 10.89
CA ILE B 414 -27.81 24.72 10.36
C ILE B 414 -27.71 24.24 8.89
N MET B 415 -28.13 23.00 8.60
CA MET B 415 -27.99 22.39 7.28
C MET B 415 -28.98 22.90 6.19
N TYR B 416 -30.21 23.30 6.60
CA TYR B 416 -31.23 23.77 5.69
C TYR B 416 -31.62 25.21 5.91
N ALA B 417 -30.68 26.02 6.43
CA ALA B 417 -30.84 27.45 6.68
C ALA B 417 -31.45 28.21 5.51
N PRO B 418 -31.11 27.95 4.20
CA PRO B 418 -31.73 28.76 3.12
C PRO B 418 -33.17 28.41 2.80
N THR B 419 -33.65 27.26 3.27
CA THR B 419 -35.02 26.77 2.99
C THR B 419 -36.12 27.59 3.63
N LEU B 420 -37.25 27.60 2.95
CA LEU B 420 -38.47 28.28 3.35
C LEU B 420 -38.99 27.74 4.69
N TRP B 421 -39.05 26.41 4.82
CA TRP B 421 -39.54 25.73 6.02
C TRP B 421 -38.62 25.92 7.27
N ALA B 422 -37.26 25.87 7.14
CA ALA B 422 -36.38 26.06 8.30
C ALA B 422 -36.37 27.51 8.79
N ARG B 423 -36.49 28.46 7.87
CA ARG B 423 -36.50 29.89 8.18
C ARG B 423 -37.80 30.31 8.86
N MET B 424 -38.92 29.95 8.23
CA MET B 424 -40.21 30.37 8.69
C MET B 424 -40.77 29.54 9.83
N ILE B 425 -40.50 28.21 9.88
CA ILE B 425 -41.09 27.37 10.93
C ILE B 425 -40.08 27.02 12.01
N LEU B 426 -38.98 26.32 11.68
CA LEU B 426 -38.02 25.90 12.70
C LEU B 426 -37.38 27.05 13.50
N MET B 427 -36.97 28.14 12.83
CA MET B 427 -36.34 29.29 13.49
C MET B 427 -37.34 30.03 14.38
N THR B 428 -38.53 30.37 13.82
CA THR B 428 -39.57 31.07 14.55
C THR B 428 -39.99 30.29 15.80
N HIS B 429 -40.33 29.02 15.63
CA HIS B 429 -40.79 28.17 16.71
C HIS B 429 -39.79 27.98 17.83
N PHE B 430 -38.54 27.65 17.51
CA PHE B 430 -37.52 27.39 18.52
C PHE B 430 -36.95 28.65 19.16
N PHE B 431 -36.91 29.76 18.44
CA PHE B 431 -36.46 31.00 19.05
C PHE B 431 -37.53 31.52 20.00
N SER B 432 -38.82 31.20 19.74
CA SER B 432 -39.90 31.60 20.66
C SER B 432 -39.79 30.81 21.96
N ILE B 433 -39.40 29.52 21.89
CA ILE B 433 -39.22 28.66 23.06
C ILE B 433 -38.00 29.13 23.87
N LEU B 434 -36.85 29.35 23.18
CA LEU B 434 -35.62 29.84 23.80
C LEU B 434 -35.79 31.16 24.50
N LEU B 435 -36.63 32.07 23.94
CA LEU B 435 -36.95 33.37 24.53
C LEU B 435 -37.77 33.18 25.82
N ALA B 436 -38.71 32.23 25.79
CA ALA B 436 -39.58 31.91 26.92
C ALA B 436 -38.78 31.27 28.06
N GLN B 437 -37.93 30.30 27.76
CA GLN B 437 -37.13 29.60 28.76
C GLN B 437 -35.89 30.42 29.16
N GLU B 438 -35.60 31.53 28.44
CA GLU B 438 -34.42 32.40 28.62
C GLU B 438 -33.14 31.55 28.51
N GLN B 439 -33.06 30.73 27.45
CA GLN B 439 -31.96 29.80 27.21
C GLN B 439 -31.21 29.98 25.88
N LEU B 440 -31.22 31.21 25.33
CA LEU B 440 -30.55 31.55 24.06
C LEU B 440 -29.03 31.28 24.06
N GLU B 441 -28.38 31.51 25.20
CA GLU B 441 -26.94 31.37 25.41
C GLU B 441 -26.50 29.92 25.74
N LYS B 442 -27.46 29.06 26.14
CA LYS B 442 -27.22 27.67 26.50
C LYS B 442 -26.85 26.83 25.24
N ALA B 443 -25.66 26.22 25.28
CA ALA B 443 -25.14 25.37 24.22
C ALA B 443 -25.96 24.09 24.13
N LEU B 444 -26.23 23.65 22.91
CA LEU B 444 -27.00 22.45 22.64
C LEU B 444 -26.20 21.54 21.70
N ASP B 445 -26.43 20.24 21.84
CA ASP B 445 -25.81 19.23 21.00
C ASP B 445 -26.65 18.96 19.75
N CYS B 446 -25.94 18.93 18.61
CA CYS B 446 -26.52 18.57 17.33
C CYS B 446 -25.45 17.75 16.55
N GLN B 447 -25.91 17.00 15.55
CA GLN B 447 -25.05 16.17 14.69
C GLN B 447 -24.86 16.83 13.32
N ILE B 448 -23.59 16.87 12.86
CA ILE B 448 -23.18 17.37 11.55
C ILE B 448 -22.18 16.37 11.00
N TYR B 449 -22.57 15.67 9.91
CA TYR B 449 -21.77 14.61 9.27
C TYR B 449 -21.34 13.51 10.27
N GLY B 450 -22.28 13.15 11.15
CA GLY B 450 -22.09 12.12 12.17
C GLY B 450 -21.37 12.54 13.43
N ALA B 451 -20.62 13.66 13.38
CA ALA B 451 -19.88 14.19 14.52
C ALA B 451 -20.80 15.06 15.38
N CYS B 452 -20.55 15.08 16.71
CA CYS B 452 -21.36 15.86 17.65
C CYS B 452 -20.75 17.23 17.88
N TYR B 453 -21.61 18.27 17.77
CA TYR B 453 -21.24 19.66 17.94
C TYR B 453 -22.08 20.35 19.00
N SER B 454 -21.39 20.95 19.99
CA SER B 454 -22.03 21.72 21.07
C SER B 454 -22.06 23.15 20.57
N ILE B 455 -23.25 23.66 20.23
CA ILE B 455 -23.47 24.98 19.64
C ILE B 455 -24.47 25.83 20.42
N GLU B 456 -24.16 27.13 20.56
CA GLU B 456 -25.08 28.07 21.18
C GLU B 456 -25.99 28.62 20.09
N PRO B 457 -27.32 28.64 20.31
CA PRO B 457 -28.22 29.24 19.29
C PRO B 457 -27.86 30.68 18.91
N LEU B 458 -27.27 31.46 19.83
CA LEU B 458 -26.82 32.84 19.59
C LEU B 458 -25.76 32.97 18.46
N ASP B 459 -25.03 31.88 18.18
CA ASP B 459 -24.00 31.84 17.13
C ASP B 459 -24.53 31.49 15.75
N LEU B 460 -25.82 31.08 15.64
CA LEU B 460 -26.47 30.67 14.40
C LEU B 460 -26.32 31.68 13.25
N PRO B 461 -26.46 33.03 13.40
CA PRO B 461 -26.24 33.92 12.24
C PRO B 461 -24.84 33.73 11.61
N GLN B 462 -23.80 33.67 12.46
CA GLN B 462 -22.41 33.49 12.03
C GLN B 462 -22.18 32.15 11.33
N ILE B 463 -22.67 31.05 11.94
CA ILE B 463 -22.60 29.70 11.38
C ILE B 463 -23.22 29.70 9.99
N ILE B 464 -24.45 30.24 9.86
CA ILE B 464 -25.20 30.26 8.60
C ILE B 464 -24.46 31.07 7.52
N GLN B 465 -23.96 32.27 7.85
CA GLN B 465 -23.20 33.09 6.91
C GLN B 465 -22.00 32.30 6.33
N ARG B 466 -21.21 31.65 7.20
CA ARG B 466 -20.05 30.84 6.80
C ARG B 466 -20.40 29.62 5.94
N LEU B 467 -21.49 28.90 6.24
CA LEU B 467 -21.85 27.69 5.48
C LEU B 467 -22.65 27.93 4.22
N HIS B 468 -23.54 28.93 4.23
CA HIS B 468 -24.46 29.16 3.12
C HIS B 468 -24.30 30.48 2.41
N GLY B 469 -23.62 31.43 3.05
CA GLY B 469 -23.47 32.77 2.52
C GLY B 469 -24.52 33.72 3.08
N LEU B 470 -24.23 35.02 3.01
CA LEU B 470 -25.08 36.11 3.48
C LEU B 470 -26.44 36.11 2.78
N SER B 471 -26.52 35.54 1.57
CA SER B 471 -27.74 35.42 0.76
C SER B 471 -28.81 34.57 1.42
N ALA B 472 -28.40 33.63 2.31
CA ALA B 472 -29.29 32.72 3.05
C ALA B 472 -30.30 33.50 3.89
N PHE B 473 -30.00 34.75 4.23
CA PHE B 473 -30.87 35.60 5.03
C PHE B 473 -31.73 36.52 4.16
N SER B 474 -31.62 36.36 2.82
CA SER B 474 -32.29 37.21 1.83
C SER B 474 -33.05 36.45 0.77
N LEU B 475 -33.07 35.12 0.85
CA LEU B 475 -33.77 34.35 -0.18
C LEU B 475 -35.28 34.62 -0.18
N HIS B 476 -35.82 34.78 -1.38
CA HIS B 476 -37.24 35.02 -1.61
C HIS B 476 -37.56 34.49 -3.00
N SER B 477 -38.85 34.57 -3.35
CA SER B 477 -39.37 34.16 -4.64
C SER B 477 -38.86 32.75 -4.95
N TYR B 478 -39.26 31.83 -4.05
CA TYR B 478 -38.98 30.41 -4.09
C TYR B 478 -39.84 29.81 -5.23
N SER B 479 -39.46 28.62 -5.70
CA SER B 479 -40.12 27.94 -6.81
C SER B 479 -41.54 27.52 -6.44
N PRO B 480 -42.50 27.48 -7.40
CA PRO B 480 -43.87 27.02 -7.06
C PRO B 480 -43.90 25.60 -6.49
N GLY B 481 -43.05 24.71 -7.01
CA GLY B 481 -42.93 23.32 -6.56
C GLY B 481 -42.55 23.20 -5.10
N GLU B 482 -41.52 23.98 -4.69
CA GLU B 482 -41.00 24.04 -3.32
C GLU B 482 -42.05 24.65 -2.38
N ILE B 483 -42.71 25.76 -2.80
CA ILE B 483 -43.76 26.40 -2.01
C ILE B 483 -44.91 25.42 -1.75
N ASN B 484 -45.38 24.72 -2.80
CA ASN B 484 -46.47 23.76 -2.70
C ASN B 484 -46.16 22.57 -1.82
N ARG B 485 -44.91 22.07 -1.87
CA ARG B 485 -44.48 20.95 -1.04
C ARG B 485 -44.55 21.33 0.46
N VAL B 486 -44.10 22.54 0.79
CA VAL B 486 -44.10 23.10 2.15
C VAL B 486 -45.54 23.31 2.60
N ALA B 487 -46.35 24.03 1.81
CA ALA B 487 -47.77 24.30 2.09
C ALA B 487 -48.59 23.00 2.28
N SER B 488 -48.38 21.99 1.41
CA SER B 488 -49.08 20.70 1.52
C SER B 488 -48.69 19.95 2.79
N CYS B 489 -47.40 19.95 3.13
CA CYS B 489 -46.86 19.34 4.33
C CYS B 489 -47.44 19.94 5.60
N LEU B 490 -47.61 21.27 5.63
CA LEU B 490 -48.16 22.01 6.75
C LEU B 490 -49.62 21.63 6.98
N ARG B 491 -50.40 21.46 5.89
CA ARG B 491 -51.82 21.05 5.92
C ARG B 491 -51.94 19.64 6.48
N LYS B 492 -51.13 18.72 5.93
CA LYS B 492 -51.06 17.31 6.30
C LYS B 492 -50.73 17.11 7.79
N LEU B 493 -49.85 17.97 8.34
CA LEU B 493 -49.38 17.84 9.71
C LEU B 493 -50.15 18.70 10.71
N GLY B 494 -51.08 19.51 10.22
CA GLY B 494 -51.88 20.41 11.05
C GLY B 494 -51.09 21.58 11.57
N VAL B 495 -50.01 21.98 10.89
CA VAL B 495 -49.14 23.09 11.27
C VAL B 495 -49.77 24.39 10.68
N PRO B 496 -49.85 25.53 11.41
CA PRO B 496 -50.40 26.76 10.81
C PRO B 496 -49.75 27.20 9.50
N PRO B 497 -50.48 27.90 8.58
CA PRO B 497 -49.86 28.31 7.31
C PRO B 497 -48.76 29.35 7.48
N LEU B 498 -47.98 29.59 6.40
CA LEU B 498 -46.82 30.49 6.39
C LEU B 498 -47.09 31.93 6.83
N ARG B 499 -48.30 32.48 6.57
CA ARG B 499 -48.65 33.84 6.99
C ARG B 499 -48.67 34.00 8.52
N VAL B 500 -49.09 32.93 9.25
CA VAL B 500 -49.15 32.91 10.71
C VAL B 500 -47.74 32.99 11.27
N TRP B 501 -46.82 32.28 10.59
CA TRP B 501 -45.40 32.22 10.95
C TRP B 501 -44.75 33.56 10.81
N ARG B 502 -45.10 34.31 9.75
CA ARG B 502 -44.63 35.67 9.47
C ARG B 502 -44.99 36.59 10.66
N HIS B 503 -46.24 36.48 11.13
CA HIS B 503 -46.78 37.22 12.26
C HIS B 503 -46.03 36.87 13.57
N ARG B 504 -45.81 35.58 13.83
CA ARG B 504 -45.06 35.10 15.01
C ARG B 504 -43.59 35.53 14.99
N ALA B 505 -42.94 35.50 13.79
CA ALA B 505 -41.54 35.90 13.62
C ALA B 505 -41.28 37.37 13.94
N ARG B 506 -42.27 38.24 13.67
CA ARG B 506 -42.20 39.68 13.96
C ARG B 506 -42.08 39.95 15.44
N SER B 507 -42.83 39.22 16.29
CA SER B 507 -42.77 39.37 17.75
C SER B 507 -41.45 38.80 18.26
N VAL B 508 -41.05 37.61 17.76
CA VAL B 508 -39.80 36.93 18.11
C VAL B 508 -38.62 37.86 17.80
N ARG B 509 -38.59 38.43 16.57
CA ARG B 509 -37.59 39.39 16.07
C ARG B 509 -37.55 40.64 16.94
N ALA B 510 -38.71 41.26 17.24
CA ALA B 510 -38.80 42.44 18.09
C ALA B 510 -38.15 42.20 19.47
N ARG B 511 -38.51 41.08 20.14
CA ARG B 511 -37.94 40.70 21.45
C ARG B 511 -36.44 40.46 21.39
N LEU B 512 -35.95 39.79 20.32
CA LEU B 512 -34.52 39.54 20.14
C LEU B 512 -33.78 40.85 19.92
N LEU B 513 -34.31 41.76 19.07
CA LEU B 513 -33.69 43.07 18.79
C LEU B 513 -33.51 43.93 20.04
N SER B 514 -34.47 43.88 20.96
CA SER B 514 -34.45 44.64 22.21
C SER B 514 -33.37 44.19 23.18
N GLN B 515 -32.79 42.98 22.97
CA GLN B 515 -31.78 42.39 23.86
C GLN B 515 -30.34 42.75 23.53
N GLY B 516 -30.09 43.29 22.33
CA GLY B 516 -28.74 43.66 21.88
C GLY B 516 -27.82 42.47 21.71
N GLY B 517 -26.57 42.75 21.36
CA GLY B 517 -25.54 41.74 21.16
C GLY B 517 -25.87 40.71 20.10
N ARG B 518 -25.49 39.45 20.35
CA ARG B 518 -25.72 38.33 19.43
C ARG B 518 -27.21 38.06 19.28
N ALA B 519 -27.99 38.31 20.34
CA ALA B 519 -29.45 38.15 20.34
C ALA B 519 -30.11 39.05 19.30
N ALA B 520 -29.70 40.34 19.22
CA ALA B 520 -30.23 41.27 18.21
C ALA B 520 -29.77 40.86 16.80
N THR B 521 -28.54 40.30 16.68
CA THR B 521 -28.01 39.77 15.41
C THR B 521 -28.93 38.63 14.92
N CYS B 522 -29.39 37.74 15.84
CA CYS B 522 -30.36 36.68 15.53
C CYS B 522 -31.64 37.32 14.99
N GLY B 523 -32.15 38.34 15.68
CA GLY B 523 -33.34 39.07 15.27
C GLY B 523 -33.24 39.67 13.88
N LYS B 524 -32.21 40.49 13.66
CA LYS B 524 -31.92 41.21 12.43
C LYS B 524 -31.68 40.30 11.23
N TYR B 525 -30.82 39.27 11.38
CA TYR B 525 -30.41 38.36 10.30
C TYR B 525 -31.35 37.21 10.06
N LEU B 526 -31.70 36.45 11.10
CA LEU B 526 -32.54 35.26 10.94
C LEU B 526 -33.97 35.58 10.54
N PHE B 527 -34.47 36.75 10.97
CA PHE B 527 -35.86 37.12 10.73
C PHE B 527 -36.08 38.35 9.86
N ASN B 528 -35.11 38.66 8.99
CA ASN B 528 -35.24 39.77 8.04
C ASN B 528 -36.36 39.51 7.01
N TRP B 529 -36.70 38.23 6.79
CA TRP B 529 -37.75 37.80 5.85
C TRP B 529 -39.14 38.19 6.31
N ALA B 530 -39.32 38.33 7.62
CA ALA B 530 -40.60 38.64 8.28
C ALA B 530 -41.02 40.10 8.26
N VAL B 531 -40.06 41.04 8.20
CA VAL B 531 -40.37 42.46 8.24
C VAL B 531 -41.00 42.99 6.98
N ARG B 532 -41.90 43.97 7.21
CA ARG B 532 -42.66 44.76 6.26
C ARG B 532 -41.70 45.67 5.53
N THR B 533 -40.59 46.08 6.19
CA THR B 533 -39.53 46.89 5.60
C THR B 533 -38.15 46.22 5.94
N LYS B 534 -37.65 45.42 5.00
CA LYS B 534 -36.39 44.67 5.04
C LYS B 534 -35.20 45.60 5.24
N LEU B 535 -34.15 45.07 5.86
CA LEU B 535 -32.88 45.77 6.11
C LEU B 535 -31.81 45.37 5.08
N LYS B 536 -30.75 46.19 4.96
CA LYS B 536 -29.63 45.97 4.02
C LYS B 536 -28.89 44.64 4.26
N LEU B 537 -28.45 44.40 5.52
CA LEU B 537 -27.70 43.20 5.93
C LEU B 537 -26.30 43.12 5.30
N THR B 538 -25.32 43.58 6.09
CA THR B 538 -23.89 43.61 5.78
C THR B 538 -23.26 42.37 6.46
N PRO B 539 -22.12 41.81 5.97
CA PRO B 539 -21.53 40.64 6.65
C PRO B 539 -21.22 40.85 8.13
N ILE B 540 -21.51 39.82 8.97
CA ILE B 540 -21.26 39.84 10.41
C ILE B 540 -19.74 39.79 10.63
N PRO B 541 -19.13 40.86 11.21
CA PRO B 541 -17.66 40.86 11.39
C PRO B 541 -17.12 39.76 12.32
N ALA B 542 -17.94 39.27 13.27
CA ALA B 542 -17.55 38.21 14.23
C ALA B 542 -17.51 36.79 13.62
N ALA B 543 -18.06 36.61 12.40
CA ALA B 543 -18.14 35.32 11.68
C ALA B 543 -16.79 34.71 11.30
N SER B 544 -15.81 35.56 10.92
CA SER B 544 -14.44 35.14 10.54
C SER B 544 -13.65 34.54 11.72
N GLN B 545 -13.90 35.04 12.94
CA GLN B 545 -13.29 34.62 14.21
C GLN B 545 -13.69 33.18 14.61
N LEU B 546 -14.89 32.73 14.21
CA LEU B 546 -15.44 31.40 14.53
C LEU B 546 -14.61 30.25 13.94
N ASP B 547 -14.14 29.34 14.81
CA ASP B 547 -13.29 28.23 14.38
C ASP B 547 -14.09 27.08 13.83
N LEU B 548 -14.15 27.00 12.49
CA LEU B 548 -14.88 25.97 11.74
C LEU B 548 -13.94 25.07 10.95
N SER B 549 -12.65 25.04 11.34
CA SER B 549 -11.59 24.25 10.71
C SER B 549 -11.86 22.75 10.61
N SER B 550 -12.61 22.16 11.56
CA SER B 550 -12.92 20.73 11.62
C SER B 550 -14.32 20.35 11.11
N TRP B 551 -15.10 21.34 10.65
CA TRP B 551 -16.50 21.17 10.29
C TRP B 551 -16.81 20.37 9.03
N PHE B 552 -16.23 20.74 7.90
CA PHE B 552 -16.55 20.01 6.68
C PHE B 552 -15.27 19.45 6.10
N VAL B 553 -14.66 18.54 6.89
CA VAL B 553 -13.41 17.84 6.59
C VAL B 553 -13.77 16.40 6.26
N ALA B 554 -14.37 15.68 7.22
CA ALA B 554 -14.74 14.28 7.06
C ALA B 554 -16.08 13.94 7.71
N GLY B 555 -16.58 12.75 7.37
CA GLY B 555 -17.77 12.15 7.93
C GLY B 555 -17.34 11.24 9.07
N TYR B 556 -18.18 11.13 10.12
CA TYR B 556 -17.83 10.34 11.29
C TYR B 556 -19.02 9.61 11.87
N SER B 557 -20.05 9.29 11.05
CA SER B 557 -21.24 8.55 11.53
C SER B 557 -20.82 7.24 12.19
N GLY B 558 -21.20 7.09 13.46
CA GLY B 558 -20.86 5.94 14.30
C GLY B 558 -19.49 6.05 14.96
N GLY B 559 -18.70 7.02 14.50
CA GLY B 559 -17.34 7.30 14.95
C GLY B 559 -17.17 7.73 16.38
N ASP B 560 -18.25 8.26 17.02
CA ASP B 560 -18.25 8.73 18.43
C ASP B 560 -17.26 9.92 18.56
N ILE B 561 -17.46 10.96 17.72
CA ILE B 561 -16.60 12.17 17.64
C ILE B 561 -17.33 13.38 18.20
N TYR B 562 -16.61 14.20 19.00
CA TYR B 562 -17.17 15.41 19.62
C TYR B 562 -16.27 16.59 19.50
N HIS B 563 -16.90 17.76 19.25
CA HIS B 563 -16.24 19.06 19.15
C HIS B 563 -17.14 20.17 19.74
N SER B 564 -16.53 21.08 20.51
CA SER B 564 -17.23 22.25 21.08
C SER B 564 -16.89 23.43 20.17
N LEU B 565 -17.87 24.29 19.87
CA LEU B 565 -17.60 25.43 18.98
C LEU B 565 -16.82 26.55 19.69
N SER B 566 -15.65 26.89 19.13
CA SER B 566 -14.72 27.91 19.64
C SER B 566 -14.62 29.16 18.76
N ARG B 567 -14.38 30.32 19.41
CA ARG B 567 -14.26 31.63 18.77
C ARG B 567 -12.76 32.07 18.68
N ALA B 568 -11.89 31.07 18.37
CA ALA B 568 -10.46 31.22 18.22
C ALA B 568 -10.13 31.94 16.91
N1 23E C . 48.68 -27.44 -17.07
C2 23E C . 49.64 -28.39 -17.63
C3 23E C . 50.11 -27.98 -19.05
N4 23E C . 50.56 -26.71 -19.16
C5 23E C . 51.12 -26.06 -20.29
O6 23E C . 50.09 -28.78 -19.97
C7 23E C . 50.99 -26.52 -21.61
C8 23E C . 51.58 -25.82 -22.65
C9 23E C . 52.30 -24.65 -22.42
C10 23E C . 52.39 -24.18 -21.11
C11 23E C . 51.82 -24.87 -20.06
C12 23E C . 52.96 -23.90 -23.50
C13 23E C . 52.99 -24.21 -24.80
C14 23E C . 53.67 -23.36 -25.81
O15 23E C . 54.21 -22.32 -25.46
C16 23E C . 49.08 -29.82 -17.54
C17 23E C . 50.90 -28.49 -16.74
C18 23E C . 50.32 -30.72 -17.49
C19 23E C . 51.52 -29.80 -17.18
O20 23E C . 53.64 -23.75 -27.07
C21 23E C . 47.61 -27.00 -17.76
C22 23E C . 46.73 -25.99 -17.10
C23 23E C . 45.37 -26.00 -17.41
C24 23E C . 44.48 -25.16 -16.76
C25 23E C . 47.21 -25.10 -16.15
N26 23E C . 46.51 -23.40 -14.43
C27 23E C . 46.30 -24.28 -15.47
C28 23E C . 44.93 -24.31 -15.76
C29 23E C . 44.28 -23.42 -14.82
C30 23E C . 45.28 -22.89 -14.03
C31 23E C . 42.79 -23.20 -14.68
C32 23E C . 45.23 -21.94 -12.91
C33 23E C . 42.19 -22.45 -15.89
C34 23E C . 40.69 -22.24 -15.74
C35 23E C . 39.97 -23.57 -15.54
C36 23E C . 40.52 -24.28 -14.32
C37 23E C . 42.01 -24.49 -14.43
O38 23E C . 47.33 -27.44 -18.88
C39 23E C . 44.38 -20.83 -12.97
C40 23E C . 44.22 -20.01 -11.86
C41 23E C . 44.91 -20.27 -10.69
C42 23E C . 45.78 -21.35 -10.62
C43 23E C . 45.97 -22.19 -11.72
C44 23E C . 47.81 -23.05 -13.86
N45 23E C . 46.91 -23.24 -11.58
C46 23E C . 47.79 -23.71 -12.50
O47 23E C . 48.49 -24.69 -12.25
HN1 23E C . 48.86 -27.16 -16.11
HN4 23E C . 50.51 -26.11 -18.35
H7 23E C . 50.40 -27.39 -21.85
H8 23E C . 51.40 -26.19 -23.66
H10 23E C . 52.91 -23.24 -20.88
H11 23E C . 51.93 -24.45 -19.06
H12 23E C . 53.49 -23.02 -23.15
H13 23E C . 52.47 -25.08 -25.19
H16 23E C . 48.43 -29.98 -16.69
H16A 23E C . 48.43 -30.06 -18.40
H17 23E C . 50.63 -28.55 -15.69
H17A 23E C . 51.55 -27.63 -16.83
H18 23E C . 50.45 -31.33 -18.39
H18A 23E C . 50.20 -31.46 -16.70
H19 23E C . 52.21 -29.68 -18.01
H19A 23E C . 52.15 -30.21 -16.38
HO20 23E C . 53.14 -24.59 -27.23
H23 23E C . 44.95 -26.66 -18.17
H24 23E C . 43.43 -25.16 -17.07
H25 23E C . 48.28 -25.02 -15.96
H31 23E C . 42.61 -22.58 -13.80
H33 23E C . 42.70 -21.50 -16.03
H33A 23E C . 42.39 -23.01 -16.80
H34 23E C . 40.48 -21.58 -14.90
H34A 23E C . 40.27 -21.71 -16.59
H35 23E C . 38.90 -23.43 -15.46
H35A 23E C . 40.12 -24.19 -16.43
H36 23E C . 40.28 -23.70 -13.44
H36A 23E C . 40.01 -25.23 -14.15
H37 23E C . 42.20 -25.23 -15.21
H37A 23E C . 42.38 -24.98 -13.52
H39 23E C . 43.84 -20.61 -13.89
H40 23E C . 43.56 -19.15 -11.94
H41 23E C . 44.76 -19.63 -9.84
H42 23E C . 46.33 -21.53 -9.69
H44 23E C . 48.64 -23.43 -14.46
H44A 23E C . 47.96 -21.97 -13.81
HN45 23E C . 46.93 -23.68 -10.67
S SO4 D . -0.79 -24.49 3.54
O1 SO4 D . 0.21 -23.41 3.58
O2 SO4 D . -0.21 -25.70 2.92
O3 SO4 D . -1.17 -24.80 4.93
O4 SO4 D . -1.97 -24.06 2.77
S SO4 E . 32.77 -3.22 1.22
O1 SO4 E . 33.37 -4.04 0.16
O2 SO4 E . 33.40 -3.55 2.50
O3 SO4 E . 31.34 -3.55 1.29
O4 SO4 E . 32.95 -1.78 0.92
S SO4 F . 20.37 -36.79 -25.34
O1 SO4 F . 21.63 -36.72 -24.58
O2 SO4 F . 19.95 -38.21 -25.41
O3 SO4 F . 19.34 -35.99 -24.67
O4 SO4 F . 20.56 -36.25 -26.68
S SO4 G . 49.21 -17.04 -28.13
O1 SO4 G . 49.85 -16.70 -29.41
O2 SO4 G . 50.25 -17.07 -27.11
O3 SO4 G . 48.57 -18.34 -28.22
O4 SO4 G . 48.20 -16.02 -27.76
S SO4 H . 37.57 -2.56 -25.01
O1 SO4 H . 39.00 -2.36 -25.31
O2 SO4 H . 37.38 -3.89 -24.41
O3 SO4 H . 37.06 -1.53 -24.10
O4 SO4 H . 36.83 -2.47 -26.27
N1 23E I . -50.76 25.23 17.09
C2 23E I . -51.85 26.08 17.59
C3 23E I . -52.26 27.16 16.57
N4 23E I . -52.54 26.70 15.33
C5 23E I . -53.02 27.42 14.20
O6 23E I . -52.34 28.33 16.90
C7 23E I . -53.00 28.80 14.09
C8 23E I . -53.54 29.43 12.98
C9 23E I . -54.13 28.70 11.95
C10 23E I . -54.15 27.31 12.08
C11 23E I . -53.59 26.67 13.18
C12 23E I . -54.77 29.34 10.80
C13 23E I . -54.83 30.64 10.52
C14 23E I . -55.43 31.25 9.30
O15 23E I . -55.31 32.46 9.16
C16 23E I . -51.49 26.63 18.98
C17 23E I . -53.10 25.24 17.90
C18 23E I . -52.85 26.89 19.66
C19 23E I . -53.91 26.15 18.81
O20 23E I . -56.06 30.52 8.41
C21 23E I . -49.64 25.75 16.55
C22 23E I . -48.60 24.78 16.07
C23 23E I . -47.24 25.14 16.11
C24 23E I . -46.25 24.27 15.70
C25 23E I . -48.96 23.52 15.59
N26 23E I . -48.05 21.30 14.83
C27 23E I . -47.95 22.63 15.23
C28 23E I . -46.58 22.97 15.29
C29 23E I . -45.84 21.79 14.93
C30 23E I . -46.77 20.80 14.66
C31 23E I . -44.33 21.67 14.88
C32 23E I . -46.62 19.38 14.30
C33 23E I . -43.73 22.50 13.73
C34 23E I . -42.20 22.36 13.68
C35 23E I . -41.57 22.79 15.00
C36 23E I . -42.12 21.93 16.13
C37 23E I . -43.65 22.03 16.21
O38 23E I . -49.45 26.96 16.50
C39 23E I . -45.68 19.02 13.33
C40 23E I . -45.43 17.68 13.05
C41 23E I . -46.10 16.69 13.75
C42 23E I . -47.05 17.03 14.69
C43 23E I . -47.35 18.36 14.96
C44 23E I . -49.30 20.57 14.65
N45 23E I . -48.40 18.62 15.87
C46 23E I . -49.35 19.59 15.81
O47 23E I . -50.21 19.70 16.68
HN1 23E I . -50.88 24.24 17.25
HN4 23E I . -52.40 25.72 15.13
H7 23E I . -52.53 29.43 14.84
H8 23E I . -53.47 30.51 12.94
H10 23E I . -54.60 26.70 11.29
H11 23E I . -53.64 25.59 13.20
H12 23E I . -55.21 28.62 10.10
H13 23E I . -54.44 31.40 11.21
H16 23E I . -50.86 25.97 19.58
H16A 23E I . -50.89 27.54 18.92
H17 23E I . -52.84 24.33 18.43
H17A 23E I . -53.62 24.91 17.01
H18 23E I . -53.06 27.95 19.80
H18A 23E I . -52.83 26.50 20.68
H19 23E I . -54.58 26.82 18.28
H19A 23E I . -54.58 25.57 19.43
HO20 23E I . -56.13 29.55 8.63
H23 23E I . -46.92 26.13 16.45
H24 23E I . -45.21 24.60 15.65
H25 23E I . -50.01 23.27 15.47
H31 23E I . -44.08 20.63 14.70
H33 23E I . -44.15 22.21 12.78
H33A 23E I . -43.99 23.55 13.85
H34 23E I . -41.92 21.34 13.45
H34A 23E I . -41.78 22.94 12.86
H35 23E I . -40.49 22.72 14.95
H35A 23E I . -41.79 23.83 15.19
H36 23E I . -41.82 20.90 15.98
H36A 23E I . -41.67 22.21 17.08
H37 23E I . -43.93 23.03 16.53
H37A 23E I . -44.03 21.37 16.99
H39 23E I . -45.15 19.80 12.79
H40 23E I . -44.71 17.42 12.29
H41 23E I . -45.86 15.64 13.57
H42 23E I . -47.57 16.22 15.21
H44 23E I . -50.18 21.21 14.69
H44A 23E I . -49.34 20.07 13.69
HN45 23E I . -48.43 18.00 16.67
C13 8XS J . -25.74 15.34 5.47
C17 8XS J . -27.38 15.91 3.02
C19 8XS J . -26.52 15.31 -3.92
C20 8XS J . -28.71 16.06 -3.29
C22 8XS J . -28.13 15.80 -5.57
C23 8XS J . -26.88 15.36 -5.25
C24 8XS J . -29.07 16.13 -4.63
C11 8XS J . -25.36 14.78 6.70
C12 8XS J . -25.64 14.61 4.28
C27 8XS J . -25.10 13.32 4.34
C1 8XS J . -26.05 14.91 -0.83
C2 8XS J . -27.05 15.53 -1.50
C3 8XS J . -26.25 15.20 0.59
O4 8XS J . -27.90 16.19 -0.62
C5 8XS J . -27.40 15.96 0.65
C6 8XS J . -24.94 14.11 -1.38
C7 8XS J . -25.62 14.83 1.78
C8 8XS J . -25.55 15.56 7.97
C9 8XS J . -26.20 15.16 3.01
C10 8XS J . -27.43 15.65 -2.92
C14 8XS J . -27.98 16.35 1.84
O15 8XS J . -23.79 14.53 -1.34
O16 8XS J . -25.16 15.12 9.05
N18 8XS J . -25.25 12.93 -1.91
O21 8XS J . -26.12 16.73 7.84
F25 8XS J . -28.45 15.94 -6.88
C26 8XS J . -24.84 13.49 6.72
C28 8XS J . -24.71 12.77 5.55
C29 8XS J . -24.25 12.03 -2.46
H31 8XS J . -26.09 16.37 5.41
H33 8XS J . -27.87 16.17 3.95
H35 8XS J . -25.50 15.04 -3.67
H36 8XS J . -29.45 16.32 -2.54
H38 8XS J . -26.17 15.02 -6.01
H39 8XS J . -30.07 16.46 -4.91
H41 8XS J . -24.99 12.72 3.44
H30 8XS J . -24.67 14.30 1.72
H32 8XS J . -28.83 17.02 1.88
H34 8XS J . -26.21 12.60 -1.91
H37 8XS J . -26.22 17.20 8.71
H40 8XS J . -24.54 13.04 7.66
H42 8XS J . -24.29 11.77 5.58
H44 8XS J . -23.50 12.52 -3.08
H45 8XS J . -24.72 11.28 -3.09
H43 8XS J . -23.71 11.50 -1.68
S SO4 K . 0.81 9.01 25.20
O1 SO4 K . 2.22 9.27 25.53
O2 SO4 K . 0.44 7.64 25.57
O3 SO4 K . -0.01 9.97 25.92
O4 SO4 K . 0.61 9.15 23.76
S SO4 L . -23.80 38.61 24.01
O1 SO4 L . -24.02 39.02 22.64
O2 SO4 L . -23.04 37.37 24.01
O3 SO4 L . -23.06 39.66 24.69
O4 SO4 L . -25.07 38.37 24.72
S SO4 M . -29.77 35.18 -13.00
O1 SO4 M . -28.88 36.33 -13.28
O2 SO4 M . -28.97 33.99 -12.73
O3 SO4 M . -30.54 35.49 -11.82
O4 SO4 M . -30.66 34.91 -14.12
S SO4 N . -41.71 36.96 -2.61
O1 SO4 N . -40.91 37.27 -3.80
O2 SO4 N . -41.22 35.72 -1.98
O3 SO4 N . -41.59 38.08 -1.66
O4 SO4 N . -43.10 36.77 -3.01
S SO4 O . -31.73 0.39 3.97
O1 SO4 O . -31.56 -0.22 2.64
O2 SO4 O . -30.49 0.31 4.75
O3 SO4 O . -32.83 -0.30 4.67
O4 SO4 O . -32.07 1.80 3.80
C1 GOL P . -36.14 22.98 25.06
O1 GOL P . -37.31 22.37 24.51
C2 GOL P . -35.22 23.53 24.00
O2 GOL P . -34.39 24.57 24.58
C3 GOL P . -34.33 22.48 23.40
O3 GOL P . -35.04 21.70 22.44
#